data_5IXG
#
_entry.id   5IXG
#
_cell.length_a   51.160
_cell.length_b   101.170
_cell.length_c   63.490
_cell.angle_alpha   90.00
_cell.angle_beta   97.20
_cell.angle_gamma   90.00
#
_symmetry.space_group_name_H-M   'P 1 21 1'
#
loop_
_entity.id
_entity.type
_entity.pdbx_description
1 polymer YceI
2 non-polymer '(2E,6E,10E,14E,18E,22E,26E)-3,7,11,15,19,23,27,31-OCTAMETHYLDOTRIACONTA-2,6,10,14,18,22,26,30-OCTAENYL TRIHYDROGEN DIPHOSPHATE'
3 non-polymer DI(HYDROXYETHYL)ETHER
4 water water
#
_entity_poly.entity_id   1
_entity_poly.type   'polypeptide(L)'
_entity_poly.pdbx_seq_one_letter_code
;SATYQFDPSHTYPSFEADHFGGLSVWRGKFDKSSGTVTLDRAAKTGTVDVTTDIASIHTGSAKLDEHLQTAEFFDAAKFP
QANYKGTIKFDGDKPVSVVGNLTLHGVTKPLTLKIDSFKCMPHPMLKREVCGVDAVGEFSRDDFGLDYGKQYGFKMKTKL
LITAEAVKQ
;
_entity_poly.pdbx_strand_id   B,C,A,D
#
# COMPACT_ATOMS: atom_id res chain seq x y z
N SER A 1 -9.22 27.51 -16.74
CA SER A 1 -9.69 26.25 -17.45
C SER A 1 -8.86 25.85 -18.70
N ALA A 2 -8.60 24.53 -18.85
CA ALA A 2 -7.69 24.05 -19.82
C ALA A 2 -8.16 22.65 -20.33
N THR A 3 -7.82 22.38 -21.56
CA THR A 3 -8.14 21.08 -22.16
C THR A 3 -6.88 20.39 -22.58
N TYR A 4 -6.73 19.11 -22.22
CA TYR A 4 -5.53 18.36 -22.50
C TYR A 4 -5.89 17.07 -23.24
N GLN A 5 -5.01 16.56 -24.03
CA GLN A 5 -5.26 15.30 -24.78
C GLN A 5 -4.29 14.22 -24.22
N PHE A 6 -4.76 13.01 -23.92
CA PHE A 6 -3.87 12.03 -23.36
C PHE A 6 -2.84 11.69 -24.39
N ASP A 7 -1.62 11.53 -23.90
CA ASP A 7 -0.51 11.00 -24.70
C ASP A 7 -0.60 9.48 -24.65
N PRO A 8 -0.99 8.78 -25.71
CA PRO A 8 -1.10 7.39 -25.63
C PRO A 8 0.13 6.61 -25.15
N SER A 9 1.32 7.11 -25.49
CA SER A 9 2.55 6.40 -25.16
C SER A 9 2.84 6.44 -23.69
N HIS A 10 2.14 7.34 -22.89
CA HIS A 10 2.24 7.33 -21.43
C HIS A 10 0.87 7.29 -20.69
N THR A 11 -0.08 6.62 -21.32
CA THR A 11 -1.44 6.45 -20.75
C THR A 11 -1.84 5.01 -20.91
N TYR A 12 -1.91 4.29 -19.77
CA TYR A 12 -2.25 2.89 -19.76
C TYR A 12 -2.99 2.52 -18.49
N PRO A 13 -4.07 1.79 -18.57
CA PRO A 13 -4.61 1.10 -17.43
C PRO A 13 -3.96 -0.23 -17.27
N SER A 14 -3.33 -0.44 -16.14
CA SER A 14 -2.84 -1.71 -15.71
C SER A 14 -3.80 -2.33 -14.75
N PHE A 15 -3.75 -3.63 -14.52
CA PHE A 15 -4.67 -4.30 -13.66
C PHE A 15 -3.98 -5.35 -12.77
N GLU A 16 -4.71 -5.76 -11.75
CA GLU A 16 -4.42 -6.92 -10.93
C GLU A 16 -5.67 -7.74 -10.79
N ALA A 17 -5.57 -9.03 -11.08
CA ALA A 17 -6.74 -9.93 -10.93
C ALA A 17 -6.25 -11.21 -10.20
N ASP A 18 -7.18 -11.94 -9.62
CA ASP A 18 -6.87 -13.13 -8.81
C ASP A 18 -6.67 -14.33 -9.70
N HIS A 19 -5.77 -15.20 -9.26
CA HIS A 19 -5.63 -16.52 -9.83
C HIS A 19 -5.79 -17.60 -8.69
N PHE A 20 -6.81 -18.42 -8.87
CA PHE A 20 -7.08 -19.62 -7.99
C PHE A 20 -7.24 -19.30 -6.54
N GLY A 21 -8.02 -18.26 -6.30
CA GLY A 21 -8.34 -17.94 -4.91
C GLY A 21 -7.15 -17.61 -4.07
N GLY A 22 -6.36 -16.67 -4.55
CA GLY A 22 -5.25 -16.14 -3.82
C GLY A 22 -3.92 -16.85 -4.02
N LEU A 23 -3.84 -17.73 -4.98
CA LEU A 23 -2.59 -18.41 -5.26
C LEU A 23 -1.54 -17.42 -5.76
N SER A 24 -1.99 -16.58 -6.67
CA SER A 24 -1.13 -15.53 -7.15
C SER A 24 -1.96 -14.45 -7.78
N VAL A 25 -1.25 -13.41 -8.23
CA VAL A 25 -1.92 -12.22 -8.83
C VAL A 25 -1.58 -12.12 -10.30
N TRP A 26 -2.56 -12.13 -11.20
CA TRP A 26 -2.38 -11.77 -12.60
C TRP A 26 -2.16 -10.30 -12.73
N ARG A 27 -1.08 -9.86 -13.35
CA ARG A 27 -0.89 -8.46 -13.62
C ARG A 27 -0.76 -8.29 -15.12
N GLY A 28 -1.21 -7.16 -15.62
CA GLY A 28 -1.07 -6.85 -17.05
C GLY A 28 -1.57 -5.48 -17.34
N LYS A 29 -1.74 -5.13 -18.64
CA LYS A 29 -2.18 -3.77 -18.96
C LYS A 29 -2.83 -3.82 -20.32
N PHE A 30 -3.46 -2.72 -20.68
CA PHE A 30 -4.00 -2.51 -22.07
C PHE A 30 -3.08 -1.49 -22.68
N ASP A 31 -2.56 -1.81 -23.87
CA ASP A 31 -1.55 -0.95 -24.53
C ASP A 31 -2.12 0.27 -25.26
N LYS A 32 -3.41 0.31 -25.59
CA LYS A 32 -3.93 1.39 -26.50
C LYS A 32 -5.14 2.12 -25.85
N SER A 33 -4.88 3.38 -25.51
CA SER A 33 -5.89 4.30 -24.91
C SER A 33 -5.80 5.69 -25.59
N SER A 34 -6.87 6.41 -25.48
CA SER A 34 -6.92 7.77 -25.95
C SER A 34 -8.02 8.54 -25.19
N GLY A 35 -7.96 9.87 -25.23
CA GLY A 35 -9.02 10.70 -24.72
C GLY A 35 -8.59 12.07 -24.30
N THR A 36 -9.41 12.72 -23.52
CA THR A 36 -9.35 14.12 -23.21
C THR A 36 -9.60 14.38 -21.75
N VAL A 37 -8.86 15.33 -21.15
CA VAL A 37 -9.09 15.83 -19.82
C VAL A 37 -9.41 17.32 -19.92
N THR A 38 -10.35 17.77 -19.09
CA THR A 38 -10.48 19.18 -18.86
C THR A 38 -10.23 19.46 -17.41
N LEU A 39 -9.54 20.60 -17.10
CA LEU A 39 -9.21 20.88 -15.73
C LEU A 39 -9.29 22.41 -15.52
N ASP A 40 -10.00 22.79 -14.47
CA ASP A 40 -10.11 24.23 -14.04
C ASP A 40 -9.72 24.22 -12.56
N ARG A 41 -8.41 24.39 -12.33
CA ARG A 41 -7.79 24.32 -10.98
C ARG A 41 -8.44 25.37 -10.03
N ALA A 42 -8.75 26.57 -10.53
CA ALA A 42 -9.33 27.64 -9.69
C ALA A 42 -10.77 27.38 -9.33
N ALA A 43 -11.52 26.74 -10.24
CA ALA A 43 -12.87 26.35 -9.93
C ALA A 43 -12.97 24.97 -9.28
N LYS A 44 -11.85 24.30 -9.14
CA LYS A 44 -11.77 23.01 -8.47
C LYS A 44 -12.69 22.02 -9.19
N THR A 45 -12.55 21.95 -10.52
CA THR A 45 -13.33 20.94 -11.25
C THR A 45 -12.54 20.52 -12.47
N GLY A 46 -13.05 19.44 -13.08
CA GLY A 46 -12.49 18.95 -14.30
C GLY A 46 -13.20 17.70 -14.72
N THR A 47 -12.83 17.11 -15.87
CA THR A 47 -13.49 15.90 -16.35
C THR A 47 -12.50 15.03 -17.10
N VAL A 48 -12.78 13.76 -17.23
CA VAL A 48 -12.05 12.81 -17.98
C VAL A 48 -12.99 12.07 -18.94
N ASP A 49 -12.54 11.84 -20.17
CA ASP A 49 -13.20 10.96 -21.14
C ASP A 49 -12.13 10.15 -21.74
N VAL A 50 -12.10 8.86 -21.48
CA VAL A 50 -10.98 8.01 -22.00
C VAL A 50 -11.52 6.70 -22.52
N THR A 51 -10.91 6.18 -23.58
CA THR A 51 -11.30 4.98 -24.22
C THR A 51 -10.10 4.05 -24.34
N THR A 52 -10.28 2.76 -24.06
CA THR A 52 -9.24 1.75 -24.12
C THR A 52 -9.65 0.64 -25.09
N ASP A 53 -8.72 0.15 -25.89
CA ASP A 53 -9.09 -0.91 -26.92
C ASP A 53 -8.88 -2.23 -26.19
N ILE A 54 -9.87 -3.08 -26.17
CA ILE A 54 -9.77 -4.35 -25.49
C ILE A 54 -8.77 -5.28 -26.17
N ALA A 55 -8.66 -5.21 -27.47
CA ALA A 55 -7.68 -6.00 -28.22
C ALA A 55 -6.24 -5.72 -27.88
N SER A 56 -5.94 -4.62 -27.20
CA SER A 56 -4.61 -4.27 -26.80
C SER A 56 -4.18 -4.87 -25.48
N ILE A 57 -4.97 -5.73 -24.90
CA ILE A 57 -4.56 -6.39 -23.64
C ILE A 57 -3.21 -7.09 -23.76
N HIS A 58 -2.41 -7.01 -22.69
CA HIS A 58 -1.26 -7.84 -22.58
C HIS A 58 -1.20 -8.41 -21.15
N THR A 59 -1.27 -9.73 -21.03
CA THR A 59 -1.13 -10.39 -19.79
C THR A 59 0.20 -11.03 -19.49
N GLY A 60 1.00 -11.20 -20.49
CA GLY A 60 2.23 -12.02 -20.41
C GLY A 60 2.06 -13.32 -21.10
N SER A 61 0.80 -13.75 -21.28
CA SER A 61 0.50 -14.93 -22.04
C SER A 61 -0.29 -14.57 -23.32
N ALA A 62 0.32 -14.78 -24.46
CA ALA A 62 -0.36 -14.48 -25.72
C ALA A 62 -1.63 -15.32 -25.85
N LYS A 63 -1.62 -16.53 -25.36
CA LYS A 63 -2.76 -17.38 -25.41
C LYS A 63 -3.91 -16.83 -24.56
N LEU A 64 -3.63 -16.40 -23.32
CA LEU A 64 -4.66 -15.81 -22.47
C LEU A 64 -5.23 -14.55 -23.16
N ASP A 65 -4.34 -13.70 -23.66
CA ASP A 65 -4.76 -12.46 -24.34
C ASP A 65 -5.83 -12.77 -25.38
N GLU A 66 -5.52 -13.79 -26.24
CA GLU A 66 -6.43 -14.12 -27.36
C GLU A 66 -7.76 -14.72 -26.83
N HIS A 67 -7.66 -15.57 -25.83
CA HIS A 67 -8.82 -16.16 -25.22
C HIS A 67 -9.76 -15.14 -24.60
N LEU A 68 -9.20 -14.12 -23.92
CA LEU A 68 -10.02 -13.12 -23.29
C LEU A 68 -10.81 -12.30 -24.28
N GLN A 69 -10.42 -12.27 -25.53
CA GLN A 69 -11.18 -11.49 -26.52
C GLN A 69 -12.53 -12.19 -26.88
N THR A 70 -12.60 -13.49 -26.59
CA THR A 70 -13.77 -14.25 -27.03
C THR A 70 -15.01 -13.97 -26.20
N ALA A 71 -16.14 -14.52 -26.61
CA ALA A 71 -17.39 -14.34 -25.89
C ALA A 71 -17.41 -14.95 -24.53
N GLU A 72 -16.47 -15.81 -24.17
CA GLU A 72 -16.35 -16.30 -22.82
C GLU A 72 -15.93 -15.20 -21.85
N PHE A 73 -15.34 -14.14 -22.38
CA PHE A 73 -14.89 -13.08 -21.48
C PHE A 73 -15.30 -11.68 -22.11
N PHE A 74 -14.40 -10.93 -22.69
CA PHE A 74 -14.69 -9.58 -23.11
C PHE A 74 -15.70 -9.46 -24.29
N ASP A 75 -15.75 -10.48 -25.11
CA ASP A 75 -16.56 -10.38 -26.37
C ASP A 75 -16.23 -9.12 -27.12
N ALA A 76 -14.96 -9.01 -27.44
CA ALA A 76 -14.42 -7.85 -28.12
C ALA A 76 -14.98 -7.62 -29.49
N ALA A 77 -15.48 -8.68 -30.10
CA ALA A 77 -16.17 -8.48 -31.40
C ALA A 77 -17.35 -7.53 -31.27
N LYS A 78 -18.15 -7.69 -30.22
CA LYS A 78 -19.32 -6.87 -29.93
C LYS A 78 -18.95 -5.57 -29.23
N PHE A 79 -17.96 -5.69 -28.31
CA PHE A 79 -17.58 -4.56 -27.45
C PHE A 79 -16.05 -4.29 -27.55
N PRO A 80 -15.57 -3.69 -28.60
CA PRO A 80 -14.09 -3.54 -28.82
C PRO A 80 -13.44 -2.59 -27.84
N GLN A 81 -14.23 -1.73 -27.19
CA GLN A 81 -13.63 -0.66 -26.36
C GLN A 81 -14.28 -0.67 -25.00
N ALA A 82 -13.57 -0.10 -24.02
CA ALA A 82 -14.08 0.29 -22.75
C ALA A 82 -13.97 1.79 -22.68
N ASN A 83 -14.91 2.44 -22.02
CA ASN A 83 -14.96 3.92 -21.98
C ASN A 83 -15.22 4.37 -20.61
N TYR A 84 -14.50 5.36 -20.12
CA TYR A 84 -14.70 5.89 -18.80
C TYR A 84 -14.88 7.39 -18.95
N LYS A 85 -15.92 7.90 -18.30
CA LYS A 85 -16.17 9.32 -18.16
C LYS A 85 -16.40 9.68 -16.73
N GLY A 86 -15.84 10.81 -16.25
CA GLY A 86 -16.05 11.14 -14.86
C GLY A 86 -15.60 12.54 -14.56
N THR A 87 -16.00 13.00 -13.38
CA THR A 87 -15.75 14.38 -12.89
C THR A 87 -14.65 14.35 -11.85
N ILE A 88 -13.70 15.26 -12.05
CA ILE A 88 -12.56 15.34 -11.13
C ILE A 88 -12.96 16.14 -9.90
N LYS A 89 -12.63 15.59 -8.72
CA LYS A 89 -12.85 16.20 -7.44
C LYS A 89 -11.54 16.63 -6.83
N PHE A 90 -11.56 17.70 -6.06
CA PHE A 90 -10.33 18.23 -5.46
C PHE A 90 -10.42 18.16 -3.91
N ASP A 91 -9.28 18.05 -3.26
CA ASP A 91 -9.27 18.02 -1.76
C ASP A 91 -8.02 18.82 -1.49
N GLY A 92 -8.22 19.99 -0.88
CA GLY A 92 -7.16 21.01 -0.88
C GLY A 92 -7.01 21.56 -2.31
N ASP A 93 -5.79 21.83 -2.71
CA ASP A 93 -5.64 22.51 -4.00
C ASP A 93 -5.39 21.49 -5.12
N LYS A 94 -5.46 20.20 -4.83
CA LYS A 94 -5.05 19.23 -5.85
C LYS A 94 -6.21 18.26 -6.14
N PRO A 95 -6.28 17.85 -7.37
CA PRO A 95 -7.22 16.76 -7.68
C PRO A 95 -6.95 15.56 -6.87
N VAL A 96 -8.01 14.88 -6.39
CA VAL A 96 -7.89 13.73 -5.59
C VAL A 96 -8.62 12.49 -6.02
N SER A 97 -9.65 12.70 -6.89
CA SER A 97 -10.45 11.56 -7.33
C SER A 97 -11.18 11.95 -8.59
N VAL A 98 -11.69 10.91 -9.22
CA VAL A 98 -12.56 11.08 -10.40
C VAL A 98 -13.74 10.17 -10.09
N VAL A 99 -14.94 10.74 -10.16
CA VAL A 99 -16.18 9.99 -9.91
C VAL A 99 -16.97 9.91 -11.20
N GLY A 100 -17.23 8.70 -11.68
CA GLY A 100 -17.86 8.58 -12.94
C GLY A 100 -18.34 7.19 -13.19
N ASN A 101 -18.29 6.84 -14.44
CA ASN A 101 -18.91 5.61 -14.96
C ASN A 101 -18.02 4.94 -15.98
N LEU A 102 -17.88 3.66 -15.84
CA LEU A 102 -17.11 2.81 -16.76
C LEU A 102 -18.07 1.97 -17.54
N THR A 103 -17.92 1.96 -18.86
CA THR A 103 -18.62 1.04 -19.75
C THR A 103 -17.65 0.03 -20.30
N LEU A 104 -17.88 -1.22 -19.90
CA LEU A 104 -16.96 -2.36 -20.13
C LEU A 104 -17.89 -3.54 -20.45
N HIS A 105 -17.59 -4.27 -21.48
CA HIS A 105 -18.38 -5.42 -21.87
C HIS A 105 -19.83 -4.98 -22.10
N GLY A 106 -19.98 -3.79 -22.65
CA GLY A 106 -21.27 -3.25 -22.89
C GLY A 106 -22.11 -2.76 -21.77
N VAL A 107 -21.60 -2.91 -20.54
CA VAL A 107 -22.34 -2.58 -19.34
C VAL A 107 -21.74 -1.35 -18.70
N THR A 108 -22.60 -0.48 -18.21
CA THR A 108 -22.14 0.78 -17.63
C THR A 108 -22.36 0.69 -16.13
N LYS A 109 -21.35 0.90 -15.29
CA LYS A 109 -21.44 0.92 -13.85
C LYS A 109 -20.67 2.05 -13.25
N PRO A 110 -21.02 2.52 -12.06
CA PRO A 110 -20.21 3.54 -11.40
C PRO A 110 -18.79 3.08 -11.10
N LEU A 111 -17.86 4.03 -11.25
CA LEU A 111 -16.47 3.74 -10.86
C LEU A 111 -15.81 5.03 -10.45
N THR A 112 -15.14 5.01 -9.26
CA THR A 112 -14.37 6.11 -8.76
C THR A 112 -12.90 5.72 -8.82
N LEU A 113 -12.06 6.60 -9.29
CA LEU A 113 -10.60 6.43 -9.35
C LEU A 113 -10.03 7.42 -8.33
N LYS A 114 -9.14 6.94 -7.47
CA LYS A 114 -8.45 7.82 -6.54
C LYS A 114 -7.13 8.25 -7.12
N ILE A 115 -6.79 9.51 -7.05
CA ILE A 115 -5.56 10.06 -7.70
C ILE A 115 -4.54 10.09 -6.54
N ASP A 116 -3.47 9.32 -6.70
CA ASP A 116 -2.44 9.16 -5.68
C ASP A 116 -1.37 10.20 -5.92
N SER A 117 -1.18 10.63 -7.14
CA SER A 117 -0.18 11.65 -7.45
C SER A 117 -0.66 12.46 -8.64
N PHE A 118 -0.28 13.71 -8.64
CA PHE A 118 -0.64 14.65 -9.71
C PHE A 118 0.52 15.61 -9.82
N LYS A 119 1.00 15.85 -11.04
CA LYS A 119 2.10 16.75 -11.35
C LYS A 119 1.88 17.38 -12.70
N CYS A 120 2.17 18.69 -12.79
CA CYS A 120 2.22 19.29 -14.08
C CYS A 120 3.56 19.96 -14.33
N MET A 121 4.00 19.99 -15.57
CA MET A 121 5.33 20.52 -15.90
C MET A 121 5.31 20.87 -17.38
N PRO A 122 6.26 21.67 -17.83
CA PRO A 122 6.35 21.87 -19.23
C PRO A 122 6.90 20.57 -19.89
N HIS A 123 6.24 20.11 -20.96
CA HIS A 123 6.66 18.86 -21.58
C HIS A 123 8.08 19.01 -22.14
N PRO A 124 9.02 18.17 -21.75
CA PRO A 124 10.40 18.33 -22.19
C PRO A 124 10.58 18.45 -23.74
N MET A 125 9.70 17.86 -24.55
CA MET A 125 9.68 18.02 -26.03
C MET A 125 8.64 18.91 -26.73
N LEU A 126 7.37 18.85 -26.33
CA LEU A 126 6.31 19.58 -26.97
C LEU A 126 6.14 20.98 -26.40
N LYS A 127 6.81 21.22 -25.26
CA LYS A 127 6.77 22.51 -24.54
C LYS A 127 5.51 22.88 -23.70
N ARG A 128 4.35 22.56 -24.23
CA ARG A 128 3.11 22.81 -23.62
C ARG A 128 3.07 22.00 -22.32
N GLU A 129 2.15 22.42 -21.47
CA GLU A 129 2.03 21.81 -20.18
C GLU A 129 1.58 20.36 -20.37
N VAL A 130 2.24 19.49 -19.63
CA VAL A 130 1.78 18.09 -19.46
C VAL A 130 1.46 17.82 -18.03
N CYS A 131 0.26 17.24 -17.83
CA CYS A 131 -0.14 16.85 -16.48
C CYS A 131 -0.13 15.33 -16.46
N GLY A 132 0.37 14.83 -15.35
CA GLY A 132 0.45 13.38 -15.14
C GLY A 132 -0.07 12.90 -13.85
N VAL A 133 -0.65 11.69 -13.85
CA VAL A 133 -1.23 11.16 -12.64
C VAL A 133 -0.90 9.70 -12.51
N ASP A 134 -0.92 9.23 -11.26
CA ASP A 134 -1.04 7.84 -10.91
C ASP A 134 -2.32 7.67 -10.17
N ALA A 135 -3.14 6.72 -10.56
CA ALA A 135 -4.47 6.60 -9.94
C ALA A 135 -4.77 5.12 -9.73
N VAL A 136 -5.74 4.87 -8.85
CA VAL A 136 -6.14 3.54 -8.51
C VAL A 136 -7.61 3.39 -8.39
N GLY A 137 -8.12 2.25 -8.77
CA GLY A 137 -9.54 1.94 -8.65
C GLY A 137 -9.71 0.46 -8.46
N GLU A 138 -10.90 0.07 -8.07
CA GLU A 138 -11.17 -1.36 -7.99
C GLU A 138 -12.63 -1.55 -8.33
N PHE A 139 -12.95 -2.73 -8.89
CA PHE A 139 -14.32 -3.07 -9.20
C PHE A 139 -14.47 -4.58 -9.13
N SER A 140 -15.70 -5.05 -9.07
CA SER A 140 -16.00 -6.45 -9.09
C SER A 140 -16.38 -6.80 -10.52
N ARG A 141 -15.58 -7.61 -11.21
CA ARG A 141 -15.82 -7.79 -12.65
C ARG A 141 -17.12 -8.47 -13.04
N ASP A 142 -17.67 -9.25 -12.14
CA ASP A 142 -19.00 -9.77 -12.34
C ASP A 142 -20.12 -8.69 -12.49
N ASP A 143 -19.93 -7.45 -12.01
CA ASP A 143 -20.84 -6.37 -12.20
C ASP A 143 -20.92 -5.94 -13.62
N PHE A 144 -19.92 -6.33 -14.43
CA PHE A 144 -19.91 -5.98 -15.89
C PHE A 144 -20.24 -7.17 -16.71
N GLY A 145 -20.70 -8.27 -16.06
CA GLY A 145 -21.03 -9.50 -16.84
C GLY A 145 -19.81 -10.40 -17.10
N LEU A 146 -18.66 -10.11 -16.50
CA LEU A 146 -17.42 -10.79 -16.67
C LEU A 146 -17.18 -11.73 -15.42
N ASP A 147 -17.88 -12.83 -15.41
CA ASP A 147 -17.79 -13.69 -14.22
C ASP A 147 -17.03 -15.01 -14.42
N TYR A 148 -16.31 -15.10 -15.51
CA TYR A 148 -15.54 -16.34 -15.74
C TYR A 148 -14.66 -16.70 -14.48
N GLY A 149 -14.62 -18.00 -14.11
CA GLY A 149 -13.76 -18.46 -13.02
C GLY A 149 -14.42 -18.49 -11.67
N LYS A 150 -15.63 -17.89 -11.61
CA LYS A 150 -16.33 -17.68 -10.35
C LYS A 150 -16.66 -18.99 -9.74
N GLN A 151 -17.09 -19.88 -10.61
CA GLN A 151 -17.44 -21.25 -10.16
C GLN A 151 -16.26 -22.12 -9.73
N TYR A 152 -15.03 -21.63 -9.89
CA TYR A 152 -13.75 -22.37 -9.64
C TYR A 152 -12.89 -21.71 -8.53
N GLY A 153 -13.53 -20.85 -7.75
CA GLY A 153 -12.84 -20.17 -6.65
C GLY A 153 -12.19 -18.83 -6.95
N PHE A 154 -12.35 -18.28 -8.18
CA PHE A 154 -11.60 -17.04 -8.56
C PHE A 154 -12.45 -15.87 -7.92
N LYS A 155 -11.70 -14.95 -7.40
CA LYS A 155 -12.25 -13.74 -6.80
C LYS A 155 -12.51 -12.77 -7.94
N MET A 156 -13.59 -12.01 -7.81
CA MET A 156 -14.05 -11.08 -8.85
C MET A 156 -13.41 -9.72 -8.69
N LYS A 157 -12.81 -9.39 -7.55
CA LYS A 157 -12.19 -8.10 -7.30
C LYS A 157 -11.04 -7.90 -8.22
N THR A 158 -11.09 -6.77 -8.96
CA THR A 158 -10.11 -6.44 -9.99
C THR A 158 -9.60 -5.11 -9.61
N LYS A 159 -8.30 -4.90 -9.59
CA LYS A 159 -7.73 -3.64 -9.26
C LYS A 159 -7.25 -2.97 -10.50
N LEU A 160 -7.37 -1.66 -10.57
CA LEU A 160 -6.81 -0.89 -11.65
C LEU A 160 -5.74 0.06 -11.13
N LEU A 161 -4.63 0.11 -11.87
CA LEU A 161 -3.48 0.94 -11.57
C LEU A 161 -3.29 1.75 -12.85
N ILE A 162 -3.51 3.04 -12.81
CA ILE A 162 -3.63 3.86 -13.98
C ILE A 162 -2.49 4.82 -14.10
N THR A 163 -1.76 4.79 -15.23
CA THR A 163 -0.80 5.76 -15.56
C THR A 163 -1.43 6.65 -16.60
N ALA A 164 -1.31 7.96 -16.46
CA ALA A 164 -1.85 8.86 -17.53
C ALA A 164 -1.02 10.13 -17.61
N GLU A 165 -0.81 10.57 -18.81
CA GLU A 165 -0.19 11.90 -19.07
C GLU A 165 -1.03 12.57 -20.14
N ALA A 166 -1.33 13.84 -19.95
CA ALA A 166 -2.13 14.55 -20.94
C ALA A 166 -1.52 15.91 -21.22
N VAL A 167 -1.44 16.26 -22.50
CA VAL A 167 -0.72 17.46 -22.94
C VAL A 167 -1.73 18.52 -23.30
N LYS A 168 -1.52 19.71 -22.78
CA LYS A 168 -2.46 20.86 -23.03
C LYS A 168 -2.56 21.13 -24.53
N GLN A 169 -3.75 21.36 -25.04
CA GLN A 169 -3.88 21.64 -26.53
C GLN A 169 -3.29 23.00 -26.88
N SER B 1 -22.72 -20.46 11.45
CA SER B 1 -23.15 -19.02 11.65
C SER B 1 -23.35 -18.73 13.13
N ALA B 2 -23.20 -17.48 13.56
CA ALA B 2 -23.16 -17.20 14.95
C ALA B 2 -23.15 -15.70 15.08
N THR B 3 -23.48 -15.30 16.29
CA THR B 3 -23.24 -13.92 16.75
C THR B 3 -21.92 -13.92 17.55
N TYR B 4 -21.19 -12.81 17.37
CA TYR B 4 -19.91 -12.57 18.05
C TYR B 4 -19.91 -11.22 18.66
N GLN B 5 -19.34 -11.12 19.85
CA GLN B 5 -19.22 -9.85 20.54
C GLN B 5 -17.78 -9.34 20.38
N PHE B 6 -17.64 -8.07 19.92
CA PHE B 6 -16.27 -7.57 19.76
C PHE B 6 -15.53 -7.63 21.13
N ASP B 7 -14.26 -8.00 21.05
CA ASP B 7 -13.37 -7.93 22.14
C ASP B 7 -12.81 -6.57 22.20
N PRO B 8 -13.18 -5.75 23.16
CA PRO B 8 -12.79 -4.37 23.16
C PRO B 8 -11.33 -4.14 23.25
N SER B 9 -10.57 -5.07 23.79
CA SER B 9 -9.13 -4.97 23.86
C SER B 9 -8.40 -5.31 22.61
N HIS B 10 -9.09 -5.76 21.55
CA HIS B 10 -8.49 -5.99 20.26
C HIS B 10 -9.35 -5.39 19.16
N THR B 11 -10.14 -4.43 19.53
CA THR B 11 -11.01 -3.78 18.51
C THR B 11 -10.86 -2.28 18.62
N TYR B 12 -10.28 -1.60 17.55
CA TYR B 12 -9.94 -0.24 17.57
C TYR B 12 -10.09 0.33 16.15
N PRO B 13 -10.66 1.51 16.02
CA PRO B 13 -10.53 2.25 14.75
C PRO B 13 -9.39 3.21 14.88
N SER B 14 -8.38 3.05 14.03
CA SER B 14 -7.29 3.94 13.91
C SER B 14 -7.56 4.84 12.69
N PHE B 15 -6.86 5.96 12.66
CA PHE B 15 -7.12 6.94 11.55
C PHE B 15 -5.83 7.54 11.09
N GLU B 16 -5.92 8.14 9.86
CA GLU B 16 -4.88 9.00 9.31
C GLU B 16 -5.55 10.25 8.77
N ALA B 17 -4.98 11.38 9.11
CA ALA B 17 -5.55 12.68 8.75
C ALA B 17 -4.42 13.59 8.40
N ASP B 18 -4.68 14.45 7.40
CA ASP B 18 -3.71 15.36 6.94
C ASP B 18 -3.41 16.49 7.89
N HIS B 19 -2.18 16.95 7.91
CA HIS B 19 -1.79 18.21 8.54
C HIS B 19 -1.18 19.14 7.43
N PHE B 20 -1.84 20.27 7.18
CA PHE B 20 -1.25 21.31 6.33
C PHE B 20 -0.99 20.97 4.89
N GLY B 21 -1.93 20.28 4.33
CA GLY B 21 -1.93 19.93 2.90
C GLY B 21 -0.72 19.14 2.50
N GLY B 22 -0.45 18.04 3.18
CA GLY B 22 0.66 17.22 2.78
C GLY B 22 1.95 17.38 3.55
N LEU B 23 1.92 18.16 4.62
CA LEU B 23 3.10 18.36 5.42
C LEU B 23 3.43 17.12 6.21
N SER B 24 2.43 16.55 6.85
CA SER B 24 2.59 15.32 7.56
C SER B 24 1.23 14.68 7.79
N VAL B 25 1.24 13.45 8.39
CA VAL B 25 0.03 12.66 8.57
C VAL B 25 -0.14 12.47 10.06
N TRP B 26 -1.27 12.95 10.62
CA TRP B 26 -1.69 12.64 11.96
C TRP B 26 -2.21 11.21 11.99
N ARG B 27 -1.67 10.38 12.87
CA ARG B 27 -2.19 9.07 13.11
C ARG B 27 -2.66 8.96 14.60
N GLY B 28 -3.71 8.22 14.83
CA GLY B 28 -4.16 7.97 16.21
C GLY B 28 -5.24 6.94 16.15
N LYS B 29 -5.93 6.78 17.29
CA LYS B 29 -6.97 5.79 17.39
C LYS B 29 -7.96 6.24 18.41
N PHE B 30 -9.10 5.54 18.51
CA PHE B 30 -10.07 5.63 19.60
C PHE B 30 -9.91 4.37 20.45
N ASP B 31 -9.68 4.53 21.72
CA ASP B 31 -9.40 3.41 22.61
C ASP B 31 -10.64 2.61 23.01
N LYS B 32 -11.90 3.15 22.92
CA LYS B 32 -13.02 2.45 23.48
C LYS B 32 -14.13 2.23 22.50
N SER B 33 -14.36 0.97 22.15
CA SER B 33 -15.38 0.54 21.22
C SER B 33 -16.03 -0.74 21.75
N SER B 34 -17.25 -0.98 21.31
CA SER B 34 -17.96 -2.24 21.58
C SER B 34 -18.92 -2.50 20.50
N GLY B 35 -19.42 -3.71 20.47
CA GLY B 35 -20.43 -4.05 19.47
C GLY B 35 -20.43 -5.50 19.14
N THR B 36 -21.19 -5.81 18.08
CA THR B 36 -21.46 -7.16 17.71
C THR B 36 -21.35 -7.34 16.20
N VAL B 37 -21.07 -8.57 15.83
CA VAL B 37 -21.15 -8.95 14.42
C VAL B 37 -21.82 -10.29 14.32
N THR B 38 -22.70 -10.44 13.33
CA THR B 38 -23.38 -11.69 13.08
C THR B 38 -22.86 -12.12 11.76
N LEU B 39 -22.50 -13.38 11.68
CA LEU B 39 -22.00 -13.91 10.45
C LEU B 39 -22.88 -15.09 10.06
N ASP B 40 -23.35 -15.02 8.80
CA ASP B 40 -24.07 -16.15 8.11
C ASP B 40 -23.28 -16.55 6.89
N ARG B 41 -22.20 -17.31 7.08
CA ARG B 41 -21.41 -17.74 5.93
C ARG B 41 -21.96 -19.02 5.28
N ALA B 42 -23.22 -18.91 4.86
CA ALA B 42 -23.89 -19.83 3.98
C ALA B 42 -24.74 -19.00 3.04
N ALA B 43 -25.55 -18.08 3.59
CA ALA B 43 -26.17 -17.00 2.79
C ALA B 43 -25.18 -15.92 2.42
N LYS B 44 -23.91 -16.11 2.81
CA LYS B 44 -22.85 -15.15 2.54
C LYS B 44 -23.31 -13.78 2.91
N THR B 45 -23.57 -13.60 4.22
CA THR B 45 -23.88 -12.27 4.69
C THR B 45 -23.60 -12.17 6.18
N GLY B 46 -23.95 -11.02 6.74
CA GLY B 46 -23.61 -10.71 8.13
C GLY B 46 -23.92 -9.25 8.33
N THR B 47 -23.92 -8.84 9.59
CA THR B 47 -24.25 -7.49 10.00
C THR B 47 -23.22 -7.13 11.06
N VAL B 48 -22.89 -5.86 11.07
CA VAL B 48 -21.98 -5.30 12.06
C VAL B 48 -22.67 -4.15 12.71
N ASP B 49 -22.50 -4.00 14.05
CA ASP B 49 -23.03 -2.86 14.81
C ASP B 49 -21.96 -2.50 15.80
N VAL B 50 -21.29 -1.37 15.65
N VAL B 50 -21.40 -1.30 15.68
CA VAL B 50 -20.21 -1.02 16.56
CA VAL B 50 -20.28 -0.87 16.51
C VAL B 50 -20.48 0.41 16.99
C VAL B 50 -20.36 0.56 16.97
N THR B 51 -20.00 0.78 18.21
CA THR B 51 -20.09 2.14 18.77
C THR B 51 -18.74 2.45 19.38
N THR B 52 -18.23 3.64 19.16
CA THR B 52 -16.98 4.12 19.60
C THR B 52 -17.16 5.41 20.38
N ASP B 53 -16.50 5.53 21.54
CA ASP B 53 -16.54 6.72 22.38
C ASP B 53 -15.58 7.81 21.93
N ILE B 54 -16.10 8.96 21.50
CA ILE B 54 -15.28 10.07 21.10
C ILE B 54 -14.29 10.53 22.08
N ALA B 55 -14.60 10.50 23.35
CA ALA B 55 -13.69 10.88 24.40
C ALA B 55 -12.47 10.00 24.59
N SER B 56 -12.49 8.84 23.88
CA SER B 56 -11.38 7.91 23.95
C SER B 56 -10.35 8.11 22.88
N ILE B 57 -10.46 9.24 22.16
CA ILE B 57 -9.46 9.52 21.16
C ILE B 57 -8.09 9.70 21.70
N HIS B 58 -7.07 9.22 20.94
CA HIS B 58 -5.71 9.39 21.31
C HIS B 58 -4.91 9.75 20.09
N THR B 59 -4.37 10.93 20.05
CA THR B 59 -3.61 11.39 18.87
C THR B 59 -2.11 11.40 19.13
N GLY B 60 -1.70 11.26 20.40
CA GLY B 60 -0.33 11.51 20.76
C GLY B 60 -0.05 12.83 21.41
N SER B 61 -0.97 13.76 21.21
CA SER B 61 -1.02 15.07 21.88
C SER B 61 -2.22 15.13 22.81
N ALA B 62 -1.96 15.08 24.10
CA ALA B 62 -3.03 15.23 25.07
C ALA B 62 -3.75 16.58 24.87
N LYS B 63 -3.01 17.64 24.50
CA LYS B 63 -3.66 18.94 24.27
C LYS B 63 -4.65 18.88 23.10
N LEU B 64 -4.22 18.24 22.02
CA LEU B 64 -5.06 18.07 20.87
C LEU B 64 -6.28 17.19 21.19
N ASP B 65 -6.07 16.13 21.99
CA ASP B 65 -7.13 15.21 22.29
C ASP B 65 -8.28 15.99 22.97
N GLU B 66 -7.89 16.84 23.94
CA GLU B 66 -8.86 17.63 24.74
C GLU B 66 -9.52 18.64 23.84
N HIS B 67 -8.73 19.30 23.02
CA HIS B 67 -9.27 20.25 22.09
C HIS B 67 -10.32 19.70 21.16
N LEU B 68 -10.05 18.51 20.61
CA LEU B 68 -10.96 17.89 19.65
C LEU B 68 -12.33 17.54 20.26
N GLN B 69 -12.41 17.37 21.59
CA GLN B 69 -13.66 17.10 22.31
C GLN B 69 -14.55 18.31 22.53
N THR B 70 -13.97 19.47 22.36
CA THR B 70 -14.75 20.70 22.66
C THR B 70 -15.76 20.97 21.58
N ALA B 71 -16.68 21.89 21.90
CA ALA B 71 -17.72 22.31 20.97
C ALA B 71 -17.24 22.62 19.57
N GLU B 72 -16.04 23.16 19.43
CA GLU B 72 -15.43 23.49 18.13
C GLU B 72 -15.09 22.38 17.17
N PHE B 73 -14.91 21.15 17.66
CA PHE B 73 -14.64 20.06 16.76
C PHE B 73 -15.68 18.97 17.00
N PHE B 74 -15.39 17.89 17.75
CA PHE B 74 -16.32 16.81 17.82
C PHE B 74 -17.55 17.16 18.69
N ASP B 75 -17.37 18.10 19.59
CA ASP B 75 -18.39 18.35 20.63
C ASP B 75 -18.83 17.06 21.29
N ALA B 76 -17.95 16.50 22.09
CA ALA B 76 -18.22 15.24 22.72
C ALA B 76 -19.30 15.26 23.83
N ALA B 77 -19.50 16.42 24.44
CA ALA B 77 -20.56 16.55 25.41
C ALA B 77 -21.90 16.34 24.80
N LYS B 78 -22.09 16.81 23.57
CA LYS B 78 -23.29 16.60 22.84
C LYS B 78 -23.42 15.34 21.99
N PHE B 79 -22.30 14.91 21.41
CA PHE B 79 -22.30 13.75 20.52
C PHE B 79 -21.18 12.81 21.00
N PRO B 80 -21.47 12.07 22.05
CA PRO B 80 -20.39 11.43 22.73
C PRO B 80 -19.86 10.17 22.03
N GLN B 81 -20.63 9.65 21.09
CA GLN B 81 -20.28 8.39 20.43
C GLN B 81 -20.42 8.53 18.94
N ALA B 82 -19.75 7.67 18.21
CA ALA B 82 -19.94 7.42 16.83
C ALA B 82 -20.37 6.00 16.63
N ASN B 83 -21.13 5.69 15.57
CA ASN B 83 -21.76 4.37 15.39
C ASN B 83 -21.59 3.99 13.97
N TYR B 84 -21.34 2.73 13.71
CA TYR B 84 -21.25 2.17 12.36
C TYR B 84 -22.11 0.93 12.34
N LYS B 85 -23.01 0.89 11.38
CA LYS B 85 -23.80 -0.28 11.16
C LYS B 85 -23.70 -0.69 9.72
N GLY B 86 -23.60 -1.96 9.41
CA GLY B 86 -23.54 -2.35 7.99
C GLY B 86 -23.64 -3.79 7.77
N THR B 87 -23.72 -4.12 6.51
CA THR B 87 -23.90 -5.47 6.03
C THR B 87 -22.62 -5.97 5.39
N ILE B 88 -22.26 -7.21 5.68
CA ILE B 88 -21.03 -7.85 5.19
C ILE B 88 -21.27 -8.46 3.82
N LYS B 89 -20.47 -8.08 2.82
CA LYS B 89 -20.50 -8.62 1.46
C LYS B 89 -19.37 -9.63 1.29
N PHE B 90 -19.63 -10.70 0.52
CA PHE B 90 -18.62 -11.72 0.28
C PHE B 90 -18.18 -11.77 -1.19
N ASP B 91 -16.93 -12.18 -1.46
CA ASP B 91 -16.26 -12.36 -2.86
C ASP B 91 -15.94 -13.87 -2.69
N GLY B 92 -16.91 -14.68 -3.09
CA GLY B 92 -16.84 -16.12 -3.00
C GLY B 92 -17.21 -16.50 -1.60
N ASP B 93 -16.30 -17.21 -0.91
CA ASP B 93 -16.56 -17.67 0.46
C ASP B 93 -15.93 -16.71 1.46
N LYS B 94 -15.42 -15.58 1.00
CA LYS B 94 -14.60 -14.71 1.81
C LYS B 94 -15.30 -13.36 1.99
N PRO B 95 -15.47 -12.89 3.22
CA PRO B 95 -15.91 -11.51 3.42
C PRO B 95 -14.98 -10.53 2.74
N VAL B 96 -15.49 -9.58 1.94
CA VAL B 96 -14.64 -8.62 1.24
C VAL B 96 -14.87 -7.18 1.63
N SER B 97 -16.07 -6.86 2.12
CA SER B 97 -16.39 -5.48 2.47
C SER B 97 -17.57 -5.46 3.44
N VAL B 98 -17.73 -4.31 4.06
CA VAL B 98 -18.91 -3.99 4.84
C VAL B 98 -19.50 -2.71 4.26
N VAL B 99 -20.75 -2.83 3.81
CA VAL B 99 -21.52 -1.72 3.28
C VAL B 99 -22.51 -1.19 4.31
N GLY B 100 -22.37 0.06 4.71
CA GLY B 100 -23.09 0.59 5.82
C GLY B 100 -23.12 2.09 5.98
N ASN B 101 -23.37 2.54 7.20
CA ASN B 101 -23.54 3.95 7.49
C ASN B 101 -22.80 4.31 8.77
N LEU B 102 -22.14 5.43 8.75
CA LEU B 102 -21.39 5.99 9.85
C LEU B 102 -22.23 7.11 10.37
N THR B 103 -22.49 7.10 11.65
CA THR B 103 -23.03 8.26 12.37
C THR B 103 -21.92 8.88 13.17
N LEU B 104 -21.63 10.15 12.92
CA LEU B 104 -20.56 10.86 13.52
C LEU B 104 -20.89 12.32 13.62
N HIS B 105 -20.82 12.91 14.81
CA HIS B 105 -21.08 14.38 14.93
C HIS B 105 -22.52 14.79 14.49
N GLY B 106 -23.50 13.93 14.79
CA GLY B 106 -24.89 14.21 14.45
C GLY B 106 -25.24 13.96 13.01
N VAL B 107 -24.34 13.38 12.22
CA VAL B 107 -24.55 13.21 10.80
C VAL B 107 -24.40 11.76 10.45
N THR B 108 -25.37 11.22 9.70
CA THR B 108 -25.34 9.79 9.29
C THR B 108 -25.13 9.75 7.82
N LYS B 109 -24.06 9.11 7.35
CA LYS B 109 -23.75 9.01 5.91
C LYS B 109 -23.22 7.67 5.53
N PRO B 110 -23.39 7.23 4.33
CA PRO B 110 -22.83 5.97 3.82
C PRO B 110 -21.33 5.84 3.89
N LEU B 111 -20.89 4.66 4.40
CA LEU B 111 -19.44 4.30 4.46
C LEU B 111 -19.22 2.85 4.21
N THR B 112 -18.30 2.54 3.28
CA THR B 112 -18.00 1.17 2.95
C THR B 112 -16.62 0.88 3.49
N LEU B 113 -16.49 -0.24 4.23
CA LEU B 113 -15.13 -0.68 4.68
C LEU B 113 -14.69 -1.85 3.86
N LYS B 114 -13.45 -1.82 3.35
CA LYS B 114 -12.87 -2.93 2.61
C LYS B 114 -12.19 -3.90 3.59
N ILE B 115 -12.47 -5.17 3.51
CA ILE B 115 -11.85 -6.12 4.41
C ILE B 115 -10.58 -6.60 3.74
N ASP B 116 -9.43 -6.25 4.31
CA ASP B 116 -8.13 -6.68 3.77
C ASP B 116 -7.70 -8.04 4.25
N SER B 117 -8.06 -8.40 5.46
CA SER B 117 -7.81 -9.77 5.99
C SER B 117 -8.95 -10.20 6.93
N PHE B 118 -9.25 -11.47 6.89
CA PHE B 118 -10.29 -12.10 7.66
C PHE B 118 -9.83 -13.48 8.03
N LYS B 119 -9.95 -13.82 9.32
CA LYS B 119 -9.50 -15.10 9.82
C LYS B 119 -10.39 -15.49 10.94
N CYS B 120 -10.86 -16.73 10.96
CA CYS B 120 -11.54 -17.25 12.11
C CYS B 120 -10.77 -18.47 12.61
N MET B 121 -10.63 -18.63 13.93
CA MET B 121 -9.81 -19.69 14.48
C MET B 121 -10.31 -20.01 15.87
N PRO B 122 -10.11 -21.24 16.32
CA PRO B 122 -10.24 -21.48 17.74
C PRO B 122 -9.09 -20.75 18.46
N HIS B 123 -9.44 -19.95 19.45
CA HIS B 123 -8.47 -19.21 20.17
C HIS B 123 -7.75 -20.19 21.11
N PRO B 124 -6.41 -20.25 21.08
CA PRO B 124 -5.83 -21.35 21.87
C PRO B 124 -5.97 -21.29 23.40
N MET B 125 -6.22 -20.08 23.91
CA MET B 125 -6.28 -19.89 25.33
C MET B 125 -7.73 -19.72 25.76
N LEU B 126 -8.56 -19.05 24.94
CA LEU B 126 -9.99 -18.90 25.28
C LEU B 126 -10.79 -20.14 24.99
N LYS B 127 -10.29 -21.02 24.14
CA LYS B 127 -11.01 -22.26 23.80
C LYS B 127 -12.42 -21.90 23.29
N ARG B 128 -12.47 -20.86 22.45
CA ARG B 128 -13.68 -20.33 21.88
C ARG B 128 -13.32 -19.78 20.50
N GLU B 129 -14.28 -19.73 19.57
CA GLU B 129 -13.96 -19.25 18.19
C GLU B 129 -13.84 -17.75 18.27
N VAL B 130 -12.85 -17.28 17.58
CA VAL B 130 -12.63 -15.79 17.48
C VAL B 130 -12.45 -15.48 16.02
N CYS B 131 -13.12 -14.44 15.52
CA CYS B 131 -12.89 -13.98 14.18
CA CYS B 131 -12.91 -13.97 14.15
C CYS B 131 -12.22 -12.63 14.21
N GLY B 132 -11.21 -12.45 13.34
CA GLY B 132 -10.43 -11.22 13.27
C GLY B 132 -10.38 -10.61 11.89
N VAL B 133 -10.35 -9.28 11.82
CA VAL B 133 -10.32 -8.55 10.58
C VAL B 133 -9.32 -7.44 10.61
N ASP B 134 -8.72 -7.11 9.45
CA ASP B 134 -8.15 -5.81 9.25
C ASP B 134 -8.93 -5.18 8.09
N ALA B 135 -9.39 -3.98 8.30
CA ALA B 135 -10.24 -3.33 7.30
C ALA B 135 -9.81 -1.92 7.13
N VAL B 136 -10.21 -1.38 5.97
CA VAL B 136 -9.83 0.01 5.65
C VAL B 136 -10.97 0.76 5.00
N GLY B 137 -11.06 2.04 5.28
CA GLY B 137 -12.07 2.85 4.59
C GLY B 137 -11.63 4.23 4.59
N GLU B 138 -12.40 5.11 3.90
CA GLU B 138 -11.98 6.55 3.78
C GLU B 138 -13.23 7.39 3.69
N PHE B 139 -13.19 8.55 4.28
CA PHE B 139 -14.34 9.50 4.21
C PHE B 139 -13.82 10.92 4.32
N SER B 140 -14.62 11.88 3.81
CA SER B 140 -14.30 13.26 3.91
C SER B 140 -14.95 13.86 5.17
N ARG B 141 -14.11 14.35 6.09
CA ARG B 141 -14.65 14.68 7.38
C ARG B 141 -15.57 15.88 7.30
N ASP B 142 -15.41 16.78 6.29
CA ASP B 142 -16.33 17.84 6.13
C ASP B 142 -17.75 17.37 5.88
N ASP B 143 -17.90 16.17 5.33
CA ASP B 143 -19.24 15.58 5.14
C ASP B 143 -19.99 15.40 6.43
N PHE B 144 -19.31 15.39 7.60
CA PHE B 144 -19.91 15.21 8.88
C PHE B 144 -19.85 16.44 9.72
N GLY B 145 -19.57 17.60 9.08
CA GLY B 145 -19.49 18.86 9.77
C GLY B 145 -18.21 19.12 10.53
N LEU B 146 -17.13 18.37 10.19
CA LEU B 146 -15.84 18.47 10.83
C LEU B 146 -14.90 18.99 9.83
N ASP B 147 -15.04 20.27 9.50
CA ASP B 147 -14.23 20.79 8.40
C ASP B 147 -13.10 21.72 8.81
N TYR B 148 -12.75 21.79 10.09
CA TYR B 148 -11.66 22.62 10.54
C TYR B 148 -10.41 22.49 9.63
N GLY B 149 -9.82 23.59 9.24
CA GLY B 149 -8.60 23.56 8.45
C GLY B 149 -8.76 23.74 6.97
N LYS B 150 -9.98 23.55 6.48
CA LYS B 150 -10.23 23.58 5.06
C LYS B 150 -9.76 24.94 4.52
N GLN B 151 -10.10 25.99 5.27
CA GLN B 151 -9.74 27.37 4.98
C GLN B 151 -8.26 27.53 4.74
N TYR B 152 -7.46 26.69 5.40
CA TYR B 152 -5.99 26.62 5.31
C TYR B 152 -5.36 25.56 4.38
N GLY B 153 -6.13 24.93 3.51
CA GLY B 153 -5.64 23.91 2.59
C GLY B 153 -5.53 22.46 3.12
N PHE B 154 -5.97 22.24 4.37
CA PHE B 154 -5.92 20.89 4.99
C PHE B 154 -6.84 20.06 4.13
N LYS B 155 -6.42 18.84 3.91
CA LYS B 155 -7.20 17.89 3.20
C LYS B 155 -8.22 17.24 4.11
N MET B 156 -9.42 17.03 3.63
CA MET B 156 -10.50 16.43 4.39
C MET B 156 -10.57 14.94 4.38
N LYS B 157 -9.83 14.34 3.48
CA LYS B 157 -9.88 12.89 3.32
C LYS B 157 -9.24 12.23 4.57
N THR B 158 -10.04 11.41 5.21
CA THR B 158 -9.60 10.81 6.50
C THR B 158 -9.61 9.31 6.27
N LYS B 159 -8.51 8.63 6.58
CA LYS B 159 -8.42 7.18 6.34
C LYS B 159 -8.74 6.44 7.67
N LEU B 160 -9.55 5.38 7.60
CA LEU B 160 -9.77 4.50 8.75
C LEU B 160 -9.06 3.20 8.53
N LEU B 161 -8.35 2.75 9.60
CA LEU B 161 -7.62 1.48 9.62
C LEU B 161 -8.17 0.71 10.79
N ILE B 162 -8.98 -0.30 10.52
CA ILE B 162 -9.80 -0.90 11.56
C ILE B 162 -9.19 -2.24 11.93
N THR B 163 -8.90 -2.45 13.21
CA THR B 163 -8.58 -3.71 13.83
C THR B 163 -9.83 -4.23 14.57
N ALA B 164 -10.21 -5.44 14.39
CA ALA B 164 -11.35 -5.95 15.14
C ALA B 164 -11.24 -7.41 15.43
N GLU B 165 -11.59 -7.86 16.61
CA GLU B 165 -11.61 -9.29 16.92
C GLU B 165 -12.89 -9.51 17.67
N ALA B 166 -13.59 -10.57 17.37
CA ALA B 166 -14.92 -10.81 18.01
C ALA B 166 -14.96 -12.27 18.43
N VAL B 167 -15.63 -12.49 19.57
CA VAL B 167 -15.64 -13.84 20.22
C VAL B 167 -17.02 -14.38 20.15
N LYS B 168 -17.12 -15.66 19.73
CA LYS B 168 -18.42 -16.28 19.50
C LYS B 168 -19.17 -16.40 20.78
N GLN B 169 -20.41 -15.95 20.72
CA GLN B 169 -21.25 -15.96 21.91
C GLN B 169 -21.88 -17.30 22.04
N ALA C 2 11.38 -30.30 -0.37
CA ALA C 2 10.63 -30.47 -1.57
C ALA C 2 11.17 -29.55 -2.67
N THR C 3 11.07 -29.98 -3.89
CA THR C 3 11.54 -29.21 -5.06
C THR C 3 10.38 -28.91 -6.00
N TYR C 4 10.32 -27.67 -6.47
CA TYR C 4 9.19 -27.16 -7.31
C TYR C 4 9.79 -26.42 -8.48
N GLN C 5 9.22 -26.55 -9.64
CA GLN C 5 9.62 -25.83 -10.83
C GLN C 5 8.67 -24.76 -11.12
N PHE C 6 9.20 -23.52 -11.37
CA PHE C 6 8.28 -22.46 -11.74
C PHE C 6 7.47 -22.76 -12.97
N ASP C 7 6.15 -22.50 -12.92
CA ASP C 7 5.27 -22.56 -14.10
C ASP C 7 5.42 -21.21 -14.83
N PRO C 8 6.12 -21.15 -15.98
CA PRO C 8 6.38 -19.85 -16.67
C PRO C 8 5.08 -19.07 -16.96
N SER C 9 3.99 -19.77 -17.20
N SER C 9 3.97 -19.77 -17.18
CA SER C 9 2.75 -19.06 -17.52
CA SER C 9 2.68 -19.09 -17.46
C SER C 9 2.09 -18.37 -16.37
C SER C 9 2.17 -18.25 -16.35
N HIS C 10 2.58 -18.55 -15.12
CA HIS C 10 2.12 -17.81 -13.94
C HIS C 10 3.30 -17.30 -13.12
N THR C 11 4.47 -17.07 -13.80
CA THR C 11 5.61 -16.52 -13.10
C THR C 11 6.11 -15.33 -13.93
N TYR C 12 6.06 -14.14 -13.30
CA TYR C 12 6.42 -12.90 -13.97
C TYR C 12 6.90 -11.91 -12.99
N PRO C 13 8.04 -11.23 -13.21
CA PRO C 13 8.38 -10.01 -12.54
C PRO C 13 7.78 -8.85 -13.28
N SER C 14 6.90 -8.11 -12.58
CA SER C 14 6.42 -6.84 -13.06
C SER C 14 7.18 -5.75 -12.33
N PHE C 15 7.13 -4.55 -12.89
CA PHE C 15 7.91 -3.43 -12.32
C PHE C 15 7.13 -2.13 -12.33
N GLU C 16 7.58 -1.20 -11.55
CA GLU C 16 7.23 0.21 -11.64
C GLU C 16 8.48 1.04 -11.67
N ALA C 17 8.52 2.00 -12.54
CA ALA C 17 9.60 2.89 -12.72
C ALA C 17 9.14 4.28 -12.97
N ASP C 18 9.96 5.30 -12.61
CA ASP C 18 9.58 6.68 -12.78
C ASP C 18 9.67 7.16 -14.16
N HIS C 19 8.80 8.13 -14.49
CA HIS C 19 8.92 8.94 -15.67
C HIS C 19 8.95 10.43 -15.28
N PHE C 20 10.01 11.08 -15.67
CA PHE C 20 10.16 12.54 -15.44
C PHE C 20 9.98 13.05 -14.06
N GLY C 21 10.55 12.33 -13.12
CA GLY C 21 10.58 12.82 -11.77
C GLY C 21 9.24 12.97 -11.15
N GLY C 22 8.44 11.92 -11.27
CA GLY C 22 7.17 11.90 -10.58
C GLY C 22 5.98 12.25 -11.45
N LEU C 23 6.22 12.41 -12.77
CA LEU C 23 5.14 12.76 -13.63
C LEU C 23 4.16 11.65 -13.77
N SER C 24 4.72 10.45 -13.95
CA SER C 24 3.86 9.29 -13.97
C SER C 24 4.75 8.05 -13.69
N VAL C 25 4.14 6.87 -13.67
CA VAL C 25 4.77 5.58 -13.29
C VAL C 25 4.67 4.68 -14.55
N TRP C 26 5.82 4.31 -15.13
CA TRP C 26 5.91 3.21 -16.08
C TRP C 26 5.67 1.88 -15.40
N ARG C 27 4.79 1.05 -15.90
CA ARG C 27 4.52 -0.24 -15.41
C ARG C 27 4.70 -1.22 -16.55
N GLY C 28 5.17 -2.38 -16.24
CA GLY C 28 5.29 -3.42 -17.27
C GLY C 28 5.73 -4.73 -16.64
N LYS C 29 6.14 -5.71 -17.48
CA LYS C 29 6.61 -6.96 -16.93
C LYS C 29 7.56 -7.62 -17.95
N PHE C 30 8.24 -8.66 -17.54
CA PHE C 30 8.96 -9.56 -18.41
C PHE C 30 8.17 -10.79 -18.60
N ASP C 31 7.95 -11.20 -19.82
CA ASP C 31 7.04 -12.28 -20.12
C ASP C 31 7.66 -13.68 -19.94
N LYS C 32 8.98 -13.82 -19.94
CA LYS C 32 9.59 -15.16 -19.90
C LYS C 32 10.57 -15.30 -18.72
N SER C 33 10.24 -16.20 -17.84
CA SER C 33 11.06 -16.60 -16.71
C SER C 33 11.02 -18.12 -16.52
N SER C 34 12.06 -18.58 -15.82
CA SER C 34 12.09 -19.98 -15.45
C SER C 34 12.93 -20.21 -14.21
N GLY C 35 12.79 -21.32 -13.58
CA GLY C 35 13.63 -21.66 -12.41
C GLY C 35 13.05 -22.59 -11.44
N THR C 36 13.59 -22.65 -10.24
CA THR C 36 13.38 -23.70 -9.31
C THR C 36 13.27 -23.15 -7.86
N VAL C 37 12.39 -23.72 -7.04
CA VAL C 37 12.29 -23.39 -5.66
C VAL C 37 12.50 -24.68 -4.86
N THR C 38 13.21 -24.57 -3.78
CA THR C 38 13.29 -25.65 -2.77
C THR C 38 12.66 -25.15 -1.48
N LEU C 39 11.86 -26.02 -0.78
CA LEU C 39 11.24 -25.56 0.46
C LEU C 39 11.29 -26.73 1.42
N ASP C 40 11.86 -26.48 2.60
CA ASP C 40 11.81 -27.47 3.75
C ASP C 40 11.08 -26.77 4.89
N ARG C 41 9.76 -26.91 4.90
N ARG C 41 9.77 -26.87 4.90
CA ARG C 41 8.89 -26.17 5.79
CA ARG C 41 8.94 -26.20 5.90
C ARG C 41 9.04 -26.59 7.28
C ARG C 41 9.40 -26.52 7.33
N ALA C 42 9.55 -27.80 7.56
CA ALA C 42 9.89 -28.27 8.92
C ALA C 42 11.12 -27.52 9.45
N ALA C 43 12.16 -27.51 8.63
CA ALA C 43 13.40 -26.83 8.92
C ALA C 43 13.35 -25.32 8.72
N LYS C 44 12.24 -24.85 8.20
CA LYS C 44 12.00 -23.46 7.98
C LYS C 44 13.11 -22.88 7.09
N THR C 45 13.34 -23.51 5.94
CA THR C 45 14.28 -22.90 5.00
C THR C 45 13.80 -23.25 3.60
N GLY C 46 14.41 -22.57 2.67
CA GLY C 46 14.19 -22.84 1.29
C GLY C 46 15.06 -21.95 0.42
N THR C 47 15.04 -22.15 -0.92
CA THR C 47 15.83 -21.34 -1.82
C THR C 47 15.01 -21.07 -3.11
N VAL C 48 15.49 -20.10 -3.83
CA VAL C 48 14.98 -19.71 -5.14
C VAL C 48 16.16 -19.54 -6.07
N ASP C 49 15.96 -20.01 -7.32
CA ASP C 49 16.92 -19.74 -8.39
C ASP C 49 16.07 -19.45 -9.64
N VAL C 50 16.10 -18.24 -10.12
CA VAL C 50 15.18 -17.82 -11.23
C VAL C 50 15.95 -16.99 -12.26
N THR C 51 15.56 -17.13 -13.53
CA THR C 51 16.20 -16.45 -14.61
C THR C 51 15.12 -15.83 -15.48
N THR C 52 15.25 -14.59 -15.89
CA THR C 52 14.29 -13.90 -16.73
C THR C 52 14.97 -13.37 -18.00
N ASP C 53 14.29 -13.49 -19.14
CA ASP C 53 14.80 -13.03 -20.39
C ASP C 53 14.55 -11.56 -20.63
N ILE C 54 15.60 -10.79 -20.79
CA ILE C 54 15.49 -9.39 -20.99
C ILE C 54 14.69 -8.99 -22.25
N ALA C 55 14.82 -9.79 -23.28
CA ALA C 55 14.12 -9.52 -24.52
C ALA C 55 12.60 -9.70 -24.42
N SER C 56 12.15 -10.27 -23.29
CA SER C 56 10.73 -10.46 -23.03
C SER C 56 10.02 -9.32 -22.39
N ILE C 57 10.68 -8.21 -22.24
CA ILE C 57 10.08 -7.03 -21.58
C ILE C 57 8.92 -6.50 -22.40
N HIS C 58 7.84 -6.13 -21.67
N HIS C 58 7.87 -6.02 -21.71
CA HIS C 58 6.64 -5.46 -22.25
CA HIS C 58 6.75 -5.40 -22.42
C HIS C 58 6.36 -4.20 -21.41
C HIS C 58 6.23 -4.27 -21.52
N THR C 59 6.37 -3.03 -22.02
CA THR C 59 6.03 -1.84 -21.30
C THR C 59 4.72 -1.24 -21.85
N GLY C 60 4.19 -1.75 -22.96
CA GLY C 60 3.08 -1.11 -23.69
C GLY C 60 3.49 -0.25 -24.81
N SER C 61 4.79 0.04 -24.89
CA SER C 61 5.39 0.83 -25.91
C SER C 61 6.52 0.05 -26.65
N ALA C 62 6.27 -0.35 -27.87
CA ALA C 62 7.28 -1.11 -28.56
C ALA C 62 8.53 -0.36 -28.73
N LYS C 63 8.45 0.96 -28.95
CA LYS C 63 9.59 1.77 -29.10
C LYS C 63 10.46 1.76 -27.84
N LEU C 64 9.81 1.79 -26.66
CA LEU C 64 10.55 1.74 -25.44
C LEU C 64 11.11 0.39 -25.20
N ASP C 65 10.36 -0.68 -25.43
CA ASP C 65 10.87 -2.02 -25.27
C ASP C 65 12.19 -2.19 -26.08
N GLU C 66 12.25 -1.65 -27.30
CA GLU C 66 13.45 -1.89 -28.10
C GLU C 66 14.54 -0.99 -27.63
N HIS C 67 14.26 0.28 -27.22
CA HIS C 67 15.28 1.11 -26.73
C HIS C 67 15.93 0.47 -25.48
N LEU C 68 15.15 -0.17 -24.67
CA LEU C 68 15.69 -0.77 -23.40
C LEU C 68 16.67 -1.91 -23.65
N GLN C 69 16.53 -2.56 -24.81
N GLN C 69 16.53 -2.57 -24.80
CA GLN C 69 17.45 -3.65 -25.19
CA GLN C 69 17.47 -3.67 -25.11
C GLN C 69 18.85 -3.17 -25.52
C GLN C 69 18.83 -3.19 -25.57
N THR C 70 18.97 -1.92 -25.92
CA THR C 70 20.23 -1.41 -26.48
C THR C 70 21.29 -1.22 -25.43
N ALA C 71 22.55 -0.93 -25.88
CA ALA C 71 23.61 -0.62 -24.93
C ALA C 71 23.41 0.61 -24.07
N GLU C 72 22.42 1.42 -24.42
CA GLU C 72 22.03 2.57 -23.60
C GLU C 72 21.30 2.11 -22.32
N PHE C 73 20.91 0.86 -22.28
CA PHE C 73 20.15 0.37 -21.14
C PHE C 73 20.50 -1.01 -20.79
N PHE C 74 19.67 -2.03 -20.99
CA PHE C 74 20.05 -3.37 -20.54
C PHE C 74 21.25 -4.01 -21.28
N ASP C 75 21.45 -3.62 -22.51
CA ASP C 75 22.53 -4.24 -23.37
C ASP C 75 22.28 -5.76 -23.50
N ALA C 76 21.10 -6.15 -23.99
CA ALA C 76 20.68 -7.51 -24.07
C ALA C 76 21.62 -8.30 -24.97
N ALA C 77 22.28 -7.70 -25.95
CA ALA C 77 23.26 -8.50 -26.74
C ALA C 77 24.38 -9.06 -25.84
N LYS C 78 24.76 -8.33 -24.81
CA LYS C 78 25.80 -8.72 -23.92
C LYS C 78 25.31 -9.53 -22.79
N PHE C 79 24.13 -9.11 -22.24
CA PHE C 79 23.57 -9.68 -21.04
C PHE C 79 22.10 -10.02 -21.33
N PRO C 80 21.81 -11.13 -21.94
CA PRO C 80 20.40 -11.53 -22.32
C PRO C 80 19.51 -11.82 -21.16
N GLN C 81 20.08 -12.18 -19.99
CA GLN C 81 19.26 -12.67 -18.87
C GLN C 81 19.57 -11.92 -17.63
N ALA C 82 18.60 -11.91 -16.72
CA ALA C 82 18.79 -11.49 -15.33
C ALA C 82 18.56 -12.72 -14.48
N ASN C 83 19.29 -12.85 -13.38
CA ASN C 83 19.25 -14.07 -12.59
C ASN C 83 19.20 -13.69 -11.10
N TYR C 84 18.31 -14.33 -10.35
CA TYR C 84 18.22 -14.05 -8.94
C TYR C 84 18.36 -15.39 -8.19
N LYS C 85 19.14 -15.39 -7.13
N LYS C 85 19.12 -15.37 -7.12
CA LYS C 85 19.19 -16.57 -6.25
CA LYS C 85 19.37 -16.56 -6.26
C LYS C 85 19.04 -16.03 -4.86
C LYS C 85 19.17 -16.06 -4.84
N GLY C 86 18.42 -16.82 -4.02
CA GLY C 86 18.30 -16.40 -2.64
C GLY C 86 17.71 -17.45 -1.72
N THR C 87 17.85 -17.16 -0.46
CA THR C 87 17.40 -18.02 0.64
C THR C 87 16.08 -17.55 1.26
N ILE C 88 15.17 -18.48 1.36
CA ILE C 88 13.81 -18.18 1.88
C ILE C 88 13.93 -18.19 3.36
N LYS C 89 13.44 -17.06 3.97
CA LYS C 89 13.29 -16.90 5.43
C LYS C 89 11.84 -17.06 5.83
N PHE C 90 11.63 -17.69 6.96
CA PHE C 90 10.29 -17.94 7.54
C PHE C 90 9.98 -17.01 8.76
N ASP C 91 8.74 -16.51 8.90
CA ASP C 91 8.26 -15.68 10.12
C ASP C 91 7.26 -16.73 10.65
N GLY C 92 7.89 -17.77 11.23
CA GLY C 92 7.33 -18.94 11.93
C GLY C 92 7.08 -20.12 11.04
N ASP C 93 5.81 -20.27 10.72
CA ASP C 93 5.28 -21.33 9.86
C ASP C 93 5.29 -20.90 8.35
N LYS C 94 5.41 -19.62 8.11
CA LYS C 94 5.18 -19.13 6.80
C LYS C 94 6.47 -18.46 6.20
N PRO C 95 6.73 -18.70 4.91
CA PRO C 95 7.77 -17.87 4.30
C PRO C 95 7.43 -16.38 4.35
N VAL C 96 8.41 -15.54 4.66
CA VAL C 96 8.20 -14.11 4.75
C VAL C 96 9.10 -13.29 3.83
N SER C 97 10.26 -13.83 3.41
CA SER C 97 11.16 -13.05 2.59
C SER C 97 12.11 -14.00 1.88
N VAL C 98 12.79 -13.45 0.90
CA VAL C 98 13.93 -14.14 0.21
C VAL C 98 15.05 -13.18 0.28
N VAL C 99 16.22 -13.62 0.76
CA VAL C 99 17.40 -12.79 0.90
C VAL C 99 18.49 -13.36 -0.03
N GLY C 100 18.89 -12.55 -0.98
CA GLY C 100 19.77 -13.03 -2.04
C GLY C 100 20.44 -11.99 -2.84
N ASN C 101 20.65 -12.34 -4.09
CA ASN C 101 21.44 -11.53 -4.98
C ASN C 101 20.82 -11.57 -6.40
N LEU C 102 20.75 -10.39 -7.01
CA LEU C 102 20.26 -10.20 -8.36
C LEU C 102 21.46 -9.89 -9.21
N THR C 103 21.51 -10.55 -10.35
CA THR C 103 22.46 -10.23 -11.42
C THR C 103 21.70 -9.64 -12.59
N LEU C 104 21.94 -8.38 -12.81
CA LEU C 104 21.17 -7.61 -13.82
C LEU C 104 22.22 -6.77 -14.58
N HIS C 105 22.19 -6.78 -15.89
CA HIS C 105 23.15 -5.99 -16.70
C HIS C 105 24.62 -6.36 -16.33
N GLY C 106 24.78 -7.64 -16.03
CA GLY C 106 26.08 -8.19 -15.65
C GLY C 106 26.59 -7.89 -14.27
N VAL C 107 25.84 -7.15 -13.47
CA VAL C 107 26.24 -6.72 -12.18
C VAL C 107 25.42 -7.47 -11.12
N THR C 108 26.09 -8.00 -10.06
CA THR C 108 25.44 -8.68 -9.00
C THR C 108 25.37 -7.81 -7.76
N LYS C 109 24.19 -7.63 -7.22
CA LYS C 109 23.96 -6.86 -5.99
C LYS C 109 22.99 -7.55 -5.07
N PRO C 110 23.10 -7.26 -3.79
CA PRO C 110 22.12 -7.81 -2.91
C PRO C 110 20.68 -7.36 -3.16
N LEU C 111 19.75 -8.27 -3.00
CA LEU C 111 18.30 -7.97 -3.15
C LEU C 111 17.48 -8.90 -2.32
N THR C 112 16.62 -8.29 -1.47
CA THR C 112 15.64 -8.98 -0.61
C THR C 112 14.23 -8.81 -1.17
N LEU C 113 13.52 -9.88 -1.33
CA LEU C 113 12.14 -9.89 -1.78
C LEU C 113 11.25 -10.17 -0.57
N LYS C 114 10.23 -9.36 -0.29
CA LYS C 114 9.28 -9.55 0.77
C LYS C 114 8.15 -10.36 0.25
N ILE C 115 7.76 -11.41 0.91
CA ILE C 115 6.64 -12.27 0.44
C ILE C 115 5.34 -11.77 1.13
N ASP C 116 4.42 -11.25 0.37
CA ASP C 116 3.17 -10.63 0.89
C ASP C 116 2.13 -11.70 1.02
N SER C 117 2.14 -12.71 0.16
CA SER C 117 1.25 -13.83 0.30
C SER C 117 1.91 -15.12 -0.16
N PHE C 118 1.49 -16.22 0.43
CA PHE C 118 2.03 -17.54 0.10
C PHE C 118 0.88 -18.54 0.32
N LYS C 119 0.66 -19.41 -0.64
CA LYS C 119 -0.42 -20.41 -0.55
C LYS C 119 0.03 -21.62 -1.27
N CYS C 120 -0.25 -22.80 -0.70
CA CYS C 120 -0.02 -24.02 -1.45
C CYS C 120 -1.30 -24.73 -1.57
N MET C 121 -1.52 -25.44 -2.65
CA MET C 121 -2.83 -26.17 -2.85
C MET C 121 -2.57 -27.22 -3.91
N PRO C 122 -3.42 -28.21 -4.03
CA PRO C 122 -3.30 -29.11 -5.12
C PRO C 122 -3.59 -28.44 -6.45
N HIS C 123 -2.79 -28.66 -7.47
CA HIS C 123 -3.04 -28.02 -8.73
C HIS C 123 -4.26 -28.68 -9.42
N PRO C 124 -5.27 -27.89 -9.82
CA PRO C 124 -6.44 -28.45 -10.52
C PRO C 124 -6.07 -29.43 -11.64
N MET C 125 -5.30 -29.01 -12.63
CA MET C 125 -4.99 -29.89 -13.78
C MET C 125 -3.85 -30.85 -13.54
N LEU C 126 -2.78 -30.43 -12.85
CA LEU C 126 -1.57 -31.24 -12.80
C LEU C 126 -1.58 -32.29 -11.67
N LYS C 127 -2.44 -32.10 -10.70
CA LYS C 127 -2.55 -33.05 -9.59
C LYS C 127 -1.24 -33.32 -8.86
N ARG C 128 -0.48 -32.23 -8.68
CA ARG C 128 0.66 -32.13 -7.83
C ARG C 128 0.53 -30.79 -7.13
N GLU C 129 1.18 -30.68 -5.99
CA GLU C 129 1.15 -29.45 -5.19
C GLU C 129 1.69 -28.27 -6.03
N VAL C 130 1.01 -27.16 -5.90
CA VAL C 130 1.49 -25.88 -6.44
C VAL C 130 1.59 -24.91 -5.33
N CYS C 131 2.67 -24.14 -5.30
CA CYS C 131 2.82 -23.08 -4.31
C CYS C 131 2.89 -21.77 -5.10
N GLY C 132 2.26 -20.78 -4.56
CA GLY C 132 2.22 -19.50 -5.21
C GLY C 132 2.48 -18.35 -4.28
N VAL C 133 3.12 -17.31 -4.81
CA VAL C 133 3.46 -16.15 -3.98
C VAL C 133 3.15 -14.87 -4.71
N ASP C 134 2.90 -13.82 -3.94
CA ASP C 134 3.04 -12.45 -4.39
C ASP C 134 4.10 -11.83 -3.57
N ALA C 135 5.05 -11.20 -4.21
CA ALA C 135 6.24 -10.68 -3.51
C ALA C 135 6.62 -9.32 -4.07
N VAL C 136 7.35 -8.58 -3.31
CA VAL C 136 7.72 -7.23 -3.68
C VAL C 136 9.17 -7.01 -3.40
N GLY C 137 9.75 -6.09 -4.09
CA GLY C 137 11.13 -5.64 -3.79
C GLY C 137 11.41 -4.34 -4.39
N GLU C 138 12.54 -3.71 -4.09
CA GLU C 138 12.84 -2.43 -4.65
C GLU C 138 14.36 -2.36 -4.74
N PHE C 139 14.84 -1.69 -5.75
CA PHE C 139 16.25 -1.39 -5.94
C PHE C 139 16.49 -0.10 -6.67
N SER C 140 17.74 0.41 -6.65
CA SER C 140 18.09 1.58 -7.39
C SER C 140 18.85 1.14 -8.63
N ARG C 141 18.32 1.37 -9.81
CA ARG C 141 18.84 0.81 -11.02
C ARG C 141 20.21 1.23 -11.35
N ASP C 142 20.61 2.40 -10.85
CA ASP C 142 21.96 2.82 -11.09
C ASP C 142 23.01 1.95 -10.40
N ASP C 143 22.59 1.19 -9.37
CA ASP C 143 23.46 0.22 -8.69
C ASP C 143 23.88 -0.91 -9.65
N PHE C 144 23.12 -1.10 -10.73
CA PHE C 144 23.40 -2.08 -11.79
C PHE C 144 23.91 -1.48 -13.07
N GLY C 145 24.35 -0.21 -12.99
CA GLY C 145 24.87 0.42 -14.12
C GLY C 145 23.83 0.98 -15.06
N LEU C 146 22.57 1.04 -14.62
CA LEU C 146 21.50 1.44 -15.52
C LEU C 146 21.04 2.83 -15.09
N ASP C 147 21.84 3.82 -15.48
CA ASP C 147 21.59 5.18 -15.01
C ASP C 147 20.93 6.13 -16.05
N TYR C 148 20.38 5.62 -17.17
CA TYR C 148 19.75 6.45 -18.18
C TYR C 148 18.76 7.39 -17.49
N GLY C 149 18.74 8.65 -17.91
CA GLY C 149 17.75 9.53 -17.40
C GLY C 149 18.14 10.29 -16.16
N LYS C 150 19.17 9.83 -15.46
CA LYS C 150 19.54 10.38 -14.17
C LYS C 150 19.89 11.84 -14.34
N GLN C 151 20.53 12.14 -15.46
CA GLN C 151 20.93 13.54 -15.82
C GLN C 151 19.77 14.50 -15.99
N TYR C 152 18.59 13.95 -16.17
CA TYR C 152 17.39 14.65 -16.55
C TYR C 152 16.29 14.57 -15.47
N GLY C 153 16.64 14.19 -14.23
CA GLY C 153 15.70 14.17 -13.09
C GLY C 153 14.89 12.88 -12.84
N PHE C 154 15.18 11.82 -13.65
CA PHE C 154 14.51 10.51 -13.50
C PHE C 154 15.06 9.89 -12.19
N LYS C 155 14.11 9.38 -11.48
CA LYS C 155 14.37 8.69 -10.24
C LYS C 155 14.84 7.27 -10.58
N MET C 156 15.77 6.77 -9.76
CA MET C 156 16.39 5.45 -10.01
C MET C 156 15.69 4.32 -9.26
N LYS C 157 14.81 4.63 -8.31
CA LYS C 157 14.12 3.64 -7.54
C LYS C 157 13.17 2.88 -8.42
N THR C 158 13.35 1.58 -8.45
CA THR C 158 12.56 0.69 -9.30
C THR C 158 11.91 -0.36 -8.41
N LYS C 159 10.59 -0.51 -8.52
CA LYS C 159 9.86 -1.47 -7.73
C LYS C 159 9.61 -2.74 -8.51
N LEU C 160 9.66 -3.88 -7.82
CA LEU C 160 9.40 -5.17 -8.42
C LEU C 160 8.16 -5.69 -7.73
N LEU C 161 7.25 -6.20 -8.55
CA LEU C 161 5.99 -6.85 -8.09
C LEU C 161 5.98 -8.21 -8.73
N ILE C 162 6.16 -9.25 -7.93
CA ILE C 162 6.42 -10.56 -8.48
C ILE C 162 5.30 -11.51 -8.25
N THR C 163 4.90 -12.14 -9.35
CA THR C 163 3.93 -13.20 -9.34
C THR C 163 4.70 -14.47 -9.55
N ALA C 164 4.48 -15.52 -8.77
CA ALA C 164 5.19 -16.81 -9.10
C ALA C 164 4.35 -17.96 -8.61
N GLU C 165 4.36 -19.01 -9.42
CA GLU C 165 3.71 -20.27 -9.05
C GLU C 165 4.68 -21.36 -9.42
N ALA C 166 4.91 -22.25 -8.49
CA ALA C 166 5.85 -23.37 -8.74
C ALA C 166 5.19 -24.71 -8.42
N VAL C 167 5.38 -25.67 -9.30
CA VAL C 167 4.73 -27.00 -9.19
C VAL C 167 5.71 -28.04 -8.72
N LYS C 168 5.31 -28.83 -7.77
CA LYS C 168 6.18 -29.78 -7.08
C LYS C 168 6.55 -30.80 -8.06
N GLN C 169 7.80 -31.21 -8.06
CA GLN C 169 8.18 -32.24 -9.09
C GLN C 169 7.89 -33.72 -8.71
N SER D 1 23.29 24.59 3.61
CA SER D 1 22.95 23.61 4.69
C SER D 1 22.14 24.23 5.86
N ALA D 2 21.26 23.41 6.45
CA ALA D 2 20.41 23.88 7.55
C ALA D 2 20.13 22.81 8.59
N THR D 3 19.96 23.23 9.85
CA THR D 3 19.61 22.35 10.92
C THR D 3 18.17 22.64 11.39
N TYR D 4 17.43 21.55 11.63
CA TYR D 4 16.05 21.62 12.02
C TYR D 4 15.81 20.82 13.30
N GLN D 5 14.93 21.33 14.14
N GLN D 5 15.00 21.36 14.19
CA GLN D 5 14.61 20.69 15.41
CA GLN D 5 14.65 20.68 15.42
C GLN D 5 13.20 20.04 15.38
C GLN D 5 13.29 20.02 15.16
N PHE D 6 13.13 18.74 15.59
CA PHE D 6 11.82 18.08 15.52
C PHE D 6 10.85 18.75 16.47
N ASP D 7 9.63 19.03 15.99
CA ASP D 7 8.52 19.45 16.81
C ASP D 7 7.85 18.23 17.43
N PRO D 8 8.05 17.98 18.70
CA PRO D 8 7.47 16.77 19.28
C PRO D 8 5.98 16.59 19.11
N SER D 9 5.27 17.70 19.02
CA SER D 9 3.83 17.65 18.85
C SER D 9 3.40 17.11 17.48
N HIS D 10 4.30 16.99 16.49
CA HIS D 10 3.99 16.46 15.18
C HIS D 10 5.07 15.45 14.79
N THR D 11 5.72 14.82 15.81
CA THR D 11 6.76 13.85 15.50
C THR D 11 6.44 12.58 16.31
N TYR D 12 6.06 11.49 15.59
CA TYR D 12 5.68 10.28 16.28
C TYR D 12 6.00 9.08 15.43
N PRO D 13 6.61 8.05 16.00
CA PRO D 13 6.60 6.76 15.30
C PRO D 13 5.37 5.91 15.72
N SER D 14 4.63 5.51 14.70
CA SER D 14 3.55 4.59 14.83
C SER D 14 4.02 3.23 14.36
N PHE D 15 3.31 2.20 14.75
CA PHE D 15 3.64 0.84 14.43
C PHE D 15 2.46 0.01 14.13
N GLU D 16 2.75 -1.09 13.42
CA GLU D 16 1.78 -2.14 13.23
C GLU D 16 2.45 -3.43 13.65
N ALA D 17 1.73 -4.30 14.35
CA ALA D 17 2.33 -5.55 14.76
C ALA D 17 1.26 -6.63 14.71
N ASP D 18 1.66 -7.86 14.49
CA ASP D 18 0.72 -8.96 14.38
C ASP D 18 0.15 -9.46 15.71
N HIS D 19 -1.09 -9.95 15.66
CA HIS D 19 -1.72 -10.70 16.72
C HIS D 19 -2.17 -12.05 16.18
N PHE D 20 -1.61 -13.11 16.77
CA PHE D 20 -2.04 -14.49 16.56
C PHE D 20 -1.92 -14.89 15.12
N GLY D 21 -0.88 -14.50 14.44
CA GLY D 21 -0.68 -15.01 13.07
C GLY D 21 -1.69 -14.61 12.04
N GLY D 22 -1.97 -13.32 11.97
CA GLY D 22 -2.88 -12.81 10.97
C GLY D 22 -4.30 -12.63 11.50
N LEU D 23 -4.53 -12.79 12.81
CA LEU D 23 -5.87 -12.64 13.32
C LEU D 23 -6.26 -11.17 13.28
N SER D 24 -5.35 -10.31 13.65
CA SER D 24 -5.57 -8.88 13.53
C SER D 24 -4.25 -8.17 13.65
N VAL D 25 -4.31 -6.81 13.53
CA VAL D 25 -3.13 -5.94 13.47
C VAL D 25 -3.17 -5.02 14.61
N TRP D 26 -2.22 -5.14 15.57
CA TRP D 26 -2.07 -4.15 16.61
C TRP D 26 -1.46 -2.90 16.03
N ARG D 27 -2.12 -1.74 16.34
CA ARG D 27 -1.60 -0.44 15.91
C ARG D 27 -1.47 0.45 17.11
N GLY D 28 -0.43 1.25 17.14
CA GLY D 28 -0.24 2.15 18.20
C GLY D 28 0.88 3.12 17.88
N LYS D 29 1.34 3.88 18.86
CA LYS D 29 2.42 4.82 18.64
C LYS D 29 3.15 5.14 19.91
N PHE D 30 4.26 5.89 19.84
CA PHE D 30 4.95 6.35 21.03
C PHE D 30 4.72 7.86 21.04
N ASP D 31 4.22 8.35 22.17
CA ASP D 31 3.86 9.78 22.27
C ASP D 31 4.97 10.79 22.42
N LYS D 32 6.17 10.35 22.87
CA LYS D 32 7.21 11.28 23.11
C LYS D 32 8.53 10.96 22.36
N SER D 33 8.92 11.88 21.51
CA SER D 33 10.15 11.83 20.73
C SER D 33 10.81 13.23 20.65
N SER D 34 12.10 13.24 20.37
CA SER D 34 12.78 14.48 20.10
C SER D 34 13.99 14.26 19.25
N GLY D 35 14.62 15.34 18.74
CA GLY D 35 15.86 15.22 17.99
C GLY D 35 16.03 16.29 16.95
N THR D 36 16.92 16.03 16.00
CA THR D 36 17.35 17.04 15.04
C THR D 36 17.58 16.41 13.67
N VAL D 37 17.44 17.21 12.61
CA VAL D 37 17.78 16.83 11.26
C VAL D 37 18.64 17.93 10.73
N THR D 38 19.69 17.54 10.01
CA THR D 38 20.45 18.47 9.17
C THR D 38 20.21 18.07 7.71
N LEU D 39 20.09 19.08 6.85
CA LEU D 39 19.80 18.83 5.49
C LEU D 39 20.54 19.83 4.60
N ASP D 40 21.12 19.32 3.52
CA ASP D 40 21.75 20.20 2.48
C ASP D 40 21.33 19.67 1.14
N ARG D 41 20.23 20.20 0.60
CA ARG D 41 19.63 19.67 -0.64
C ARG D 41 20.52 19.89 -1.84
N ALA D 42 21.26 21.02 -1.85
CA ALA D 42 22.20 21.30 -2.95
C ALA D 42 23.31 20.25 -3.00
N ALA D 43 23.80 19.85 -1.81
CA ALA D 43 24.85 18.81 -1.73
C ALA D 43 24.32 17.35 -1.70
N LYS D 44 23.02 17.22 -1.54
CA LYS D 44 22.31 15.95 -1.51
C LYS D 44 22.78 15.11 -0.32
N THR D 45 22.84 15.75 0.84
CA THR D 45 23.23 15.07 2.06
C THR D 45 22.31 15.50 3.20
N GLY D 46 22.35 14.73 4.29
CA GLY D 46 21.75 15.11 5.48
C GLY D 46 21.80 14.00 6.54
N THR D 47 21.40 14.32 7.73
CA THR D 47 21.48 13.39 8.89
C THR D 47 20.28 13.53 9.75
N VAL D 48 19.89 12.44 10.41
CA VAL D 48 18.79 12.42 11.35
C VAL D 48 19.31 11.88 12.68
N ASP D 49 18.90 12.46 13.84
CA ASP D 49 19.14 11.88 15.13
C ASP D 49 17.89 11.99 15.97
N VAL D 50 17.23 10.89 16.31
CA VAL D 50 16.02 10.95 17.08
C VAL D 50 15.99 9.98 18.23
N THR D 51 15.27 10.31 19.29
CA THR D 51 15.12 9.45 20.43
C THR D 51 13.68 9.40 20.80
N THR D 52 13.16 8.26 21.22
CA THR D 52 11.76 8.05 21.58
C THR D 52 11.71 7.36 22.94
N ASP D 53 10.82 7.82 23.79
CA ASP D 53 10.64 7.24 25.15
C ASP D 53 9.74 6.00 25.11
N ILE D 54 10.21 4.86 25.52
CA ILE D 54 9.45 3.65 25.50
C ILE D 54 8.22 3.72 26.38
N ALA D 55 8.37 4.37 27.57
CA ALA D 55 7.24 4.52 28.45
C ALA D 55 6.08 5.34 27.92
N SER D 56 6.25 5.96 26.75
CA SER D 56 5.20 6.77 26.14
C SER D 56 4.41 5.98 25.11
N ILE D 57 4.63 4.67 25.10
CA ILE D 57 3.84 3.83 24.20
C ILE D 57 2.37 3.98 24.53
N HIS D 58 1.56 3.94 23.45
CA HIS D 58 0.12 3.91 23.54
C HIS D 58 -0.43 2.86 22.54
N THR D 59 -1.02 1.80 23.04
CA THR D 59 -1.64 0.72 22.27
C THR D 59 -3.17 0.76 22.19
N GLY D 60 -3.78 1.56 23.03
CA GLY D 60 -5.19 1.52 23.21
C GLY D 60 -5.62 0.82 24.45
N SER D 61 -4.74 -0.04 24.96
CA SER D 61 -4.98 -0.80 26.21
C SER D 61 -3.96 -0.38 27.24
N ALA D 62 -4.41 0.33 28.27
CA ALA D 62 -3.48 0.84 29.30
C ALA D 62 -2.79 -0.33 30.07
N LYS D 63 -3.50 -1.45 30.19
CA LYS D 63 -2.89 -2.64 30.74
C LYS D 63 -1.81 -3.25 29.84
N LEU D 64 -1.99 -3.24 28.53
CA LEU D 64 -1.01 -3.74 27.67
C LEU D 64 0.21 -2.80 27.69
N ASP D 65 -0.04 -1.47 27.68
CA ASP D 65 1.09 -0.52 27.67
C ASP D 65 2.01 -0.84 28.89
N GLU D 66 1.36 -1.05 30.03
CA GLU D 66 2.07 -1.42 31.34
C GLU D 66 2.82 -2.72 31.19
N HIS D 67 2.13 -3.77 30.74
CA HIS D 67 2.78 -5.05 30.52
C HIS D 67 3.96 -5.03 29.59
N LEU D 68 3.89 -4.24 28.50
CA LEU D 68 4.97 -4.15 27.60
C LEU D 68 6.23 -3.46 28.14
N GLN D 69 6.10 -2.69 29.21
CA GLN D 69 7.30 -2.07 29.77
C GLN D 69 8.15 -3.10 30.61
N THR D 70 7.54 -4.21 30.90
CA THR D 70 8.26 -5.23 31.77
C THR D 70 9.34 -5.97 30.99
N ALA D 71 10.16 -6.77 31.73
CA ALA D 71 11.29 -7.44 31.15
C ALA D 71 10.82 -8.54 30.22
N GLU D 72 9.54 -8.90 30.26
CA GLU D 72 9.01 -9.80 29.23
C GLU D 72 8.93 -9.17 27.85
N PHE D 73 9.12 -7.85 27.77
CA PHE D 73 9.16 -7.24 26.45
C PHE D 73 10.19 -6.13 26.39
N PHE D 74 9.82 -4.85 26.51
CA PHE D 74 10.78 -3.80 26.28
C PHE D 74 11.85 -3.73 27.38
N ASP D 75 11.55 -4.20 28.57
CA ASP D 75 12.49 -4.11 29.73
C ASP D 75 12.87 -2.62 29.89
N ALA D 76 11.86 -1.74 30.02
CA ALA D 76 12.06 -0.27 29.95
C ALA D 76 12.89 0.22 31.10
N ALA D 77 12.84 -0.51 32.21
CA ALA D 77 13.68 -0.16 33.35
C ALA D 77 15.13 -0.12 32.88
N LYS D 78 15.55 -1.15 32.15
CA LYS D 78 16.88 -1.32 31.62
C LYS D 78 17.11 -0.48 30.36
N PHE D 79 16.07 -0.40 29.52
CA PHE D 79 16.19 0.26 28.21
C PHE D 79 15.03 1.26 27.99
N PRO D 80 15.23 2.47 28.50
CA PRO D 80 14.10 3.38 28.46
C PRO D 80 13.86 4.12 27.17
N GLN D 81 14.85 4.23 26.34
CA GLN D 81 14.78 4.93 25.04
C GLN D 81 15.05 3.97 23.92
N ALA D 82 14.50 4.31 22.79
CA ALA D 82 14.96 3.84 21.50
C ALA D 82 15.53 4.99 20.75
N ASN D 83 16.59 4.74 19.99
CA ASN D 83 17.35 5.82 19.32
C ASN D 83 17.51 5.47 17.84
N TYR D 84 17.35 6.43 16.91
CA TYR D 84 17.61 6.23 15.53
C TYR D 84 18.54 7.33 15.01
N LYS D 85 19.61 6.92 14.30
CA LYS D 85 20.53 7.86 13.75
C LYS D 85 20.80 7.37 12.32
N GLY D 86 20.77 8.29 11.34
CA GLY D 86 21.06 7.91 10.00
C GLY D 86 21.34 9.03 9.03
N THR D 87 21.75 8.66 7.84
CA THR D 87 22.05 9.59 6.79
C THR D 87 20.89 9.60 5.76
N ILE D 88 20.59 10.82 5.27
CA ILE D 88 19.53 11.04 4.26
C ILE D 88 20.10 10.81 2.83
N LYS D 89 19.45 9.97 2.07
CA LYS D 89 19.78 9.68 0.67
C LYS D 89 18.77 10.30 -0.28
N PHE D 90 19.22 10.73 -1.47
CA PHE D 90 18.37 11.47 -2.42
C PHE D 90 18.17 10.67 -3.68
N ASP D 91 17.04 10.84 -4.39
CA ASP D 91 16.86 10.22 -5.71
C ASP D 91 16.11 11.29 -6.49
N GLY D 92 16.77 11.82 -7.51
CA GLY D 92 16.26 13.03 -8.18
C GLY D 92 16.61 14.15 -7.22
N ASP D 93 15.68 15.09 -7.05
CA ASP D 93 15.91 16.29 -6.23
C ASP D 93 15.75 15.99 -4.76
N LYS D 94 15.07 14.88 -4.47
CA LYS D 94 14.29 14.77 -3.30
C LYS D 94 14.95 13.75 -2.39
N PRO D 95 14.88 13.97 -1.08
CA PRO D 95 15.19 12.91 -0.12
C PRO D 95 14.29 11.74 -0.36
N VAL D 96 14.83 10.53 -0.33
CA VAL D 96 14.00 9.35 -0.53
C VAL D 96 14.14 8.27 0.52
N SER D 97 15.21 8.36 1.31
CA SER D 97 15.38 7.47 2.43
C SER D 97 16.32 7.98 3.46
N VAL D 98 16.25 7.32 4.62
CA VAL D 98 17.23 7.49 5.66
C VAL D 98 17.81 6.09 5.93
N VAL D 99 19.13 6.01 5.77
CA VAL D 99 19.91 4.77 5.97
C VAL D 99 20.66 4.90 7.29
N GLY D 100 20.30 4.09 8.23
CA GLY D 100 20.84 4.23 9.59
C GLY D 100 20.70 3.02 10.42
N ASN D 101 20.70 3.27 11.72
CA ASN D 101 20.71 2.25 12.78
C ASN D 101 19.71 2.60 13.88
N LEU D 102 18.93 1.57 14.24
CA LEU D 102 17.96 1.65 15.28
C LEU D 102 18.55 0.93 16.48
N THR D 103 18.51 1.61 17.61
CA THR D 103 18.80 1.01 18.92
C THR D 103 17.52 0.77 19.64
N LEU D 104 17.17 -0.51 19.94
CA LEU D 104 15.86 -0.83 20.52
C LEU D 104 16.19 -2.00 21.50
N HIS D 105 15.74 -1.96 22.74
CA HIS D 105 15.91 -3.11 23.65
C HIS D 105 17.43 -3.48 23.69
N GLY D 106 18.27 -2.46 23.63
CA GLY D 106 19.73 -2.61 23.77
C GLY D 106 20.45 -3.14 22.56
N VAL D 107 19.75 -3.43 21.49
CA VAL D 107 20.38 -3.99 20.29
C VAL D 107 20.30 -2.95 19.22
N THR D 108 21.43 -2.72 18.60
CA THR D 108 21.52 -1.79 17.46
C THR D 108 21.62 -2.56 16.16
N LYS D 109 20.77 -2.30 15.17
CA LYS D 109 20.75 -2.96 13.93
C LYS D 109 20.49 -1.95 12.86
N PRO D 110 20.99 -2.17 11.65
CA PRO D 110 20.62 -1.33 10.51
C PRO D 110 19.11 -1.25 10.31
N LEU D 111 18.62 -0.06 9.86
CA LEU D 111 17.23 0.13 9.54
C LEU D 111 17.18 1.29 8.55
N THR D 112 16.55 1.08 7.43
CA THR D 112 16.30 2.10 6.44
C THR D 112 14.83 2.54 6.49
N LEU D 113 14.58 3.84 6.51
CA LEU D 113 13.24 4.41 6.50
C LEU D 113 13.09 4.99 5.10
N LYS D 114 12.08 4.54 4.38
CA LYS D 114 11.75 5.06 3.10
C LYS D 114 10.90 6.29 3.28
N ILE D 115 11.24 7.36 2.56
CA ILE D 115 10.49 8.60 2.63
C ILE D 115 9.41 8.62 1.60
N ASP D 116 8.13 8.55 2.02
CA ASP D 116 7.05 8.53 1.03
C ASP D 116 6.61 9.91 0.66
N SER D 117 6.76 10.87 1.56
CA SER D 117 6.46 12.29 1.22
C SER D 117 7.36 13.20 2.00
N PHE D 118 7.67 14.34 1.40
CA PHE D 118 8.53 15.30 1.93
C PHE D 118 8.00 16.62 1.45
N LYS D 119 7.79 17.55 2.39
CA LYS D 119 7.29 18.89 2.04
C LYS D 119 7.96 19.87 2.98
N CYS D 120 8.35 21.09 2.46
CA CYS D 120 8.77 22.19 3.31
C CYS D 120 7.92 23.39 2.91
N MET D 121 7.63 24.18 3.91
CA MET D 121 6.79 25.39 3.74
C MET D 121 7.10 26.33 4.86
N PRO D 122 6.75 27.64 4.67
CA PRO D 122 6.84 28.49 5.84
C PRO D 122 5.80 28.16 6.83
N HIS D 123 6.15 28.13 8.10
CA HIS D 123 5.16 27.87 9.15
C HIS D 123 4.30 29.16 9.37
N PRO D 124 2.96 29.08 9.25
CA PRO D 124 2.11 30.28 9.53
C PRO D 124 2.22 30.90 10.93
N MET D 125 2.64 30.14 11.96
CA MET D 125 2.68 30.66 13.35
C MET D 125 4.08 30.98 13.90
N LEU D 126 5.11 30.18 13.56
CA LEU D 126 6.51 30.46 14.00
C LEU D 126 7.30 31.27 12.99
N LYS D 127 6.74 31.45 11.81
CA LYS D 127 7.36 32.25 10.77
C LYS D 127 8.83 31.83 10.46
N ARG D 128 9.09 30.52 10.57
CA ARG D 128 10.33 29.90 10.05
C ARG D 128 9.89 28.61 9.32
N GLU D 129 10.80 28.08 8.51
CA GLU D 129 10.55 26.94 7.61
C GLU D 129 10.37 25.65 8.44
N VAL D 130 9.38 24.91 8.01
CA VAL D 130 9.07 23.60 8.62
C VAL D 130 9.10 22.63 7.49
N CYS D 131 9.74 21.47 7.74
CA CYS D 131 9.78 20.39 6.75
CA CYS D 131 9.76 20.39 6.75
C CYS D 131 9.12 19.19 7.41
N GLY D 132 8.31 18.54 6.67
CA GLY D 132 7.54 17.40 7.16
C GLY D 132 7.71 16.21 6.24
N VAL D 133 7.69 15.03 6.88
CA VAL D 133 7.78 13.77 6.14
C VAL D 133 6.79 12.76 6.62
N ASP D 134 6.51 11.85 5.70
CA ASP D 134 5.86 10.61 6.00
C ASP D 134 6.84 9.53 5.57
N ALA D 135 7.17 8.62 6.51
CA ALA D 135 8.15 7.56 6.22
C ALA D 135 7.72 6.23 6.72
N VAL D 136 8.31 5.18 6.13
CA VAL D 136 7.93 3.83 6.52
C VAL D 136 9.17 2.99 6.69
N GLY D 137 9.12 2.02 7.58
CA GLY D 137 10.20 1.02 7.65
C GLY D 137 9.62 -0.23 8.20
N GLU D 138 10.41 -1.31 8.21
CA GLU D 138 9.99 -2.55 8.78
C GLU D 138 11.16 -3.25 9.37
N PHE D 139 10.90 -4.00 10.41
CA PHE D 139 11.93 -4.90 10.96
C PHE D 139 11.30 -6.11 11.55
N SER D 140 12.09 -7.11 11.82
CA SER D 140 11.60 -8.29 12.51
C SER D 140 11.96 -8.06 14.01
N ARG D 141 10.98 -7.97 14.90
CA ARG D 141 11.27 -7.58 16.25
C ARG D 141 12.12 -8.55 17.12
N ASP D 142 12.13 -9.83 16.74
CA ASP D 142 13.05 -10.76 17.40
C ASP D 142 14.48 -10.41 17.12
N ASP D 143 14.76 -9.66 16.07
CA ASP D 143 16.13 -9.19 15.84
C ASP D 143 16.63 -8.33 16.96
N PHE D 144 15.71 -7.70 17.64
CA PHE D 144 16.03 -6.90 18.83
C PHE D 144 15.81 -7.54 20.14
N GLY D 145 15.60 -8.84 20.09
CA GLY D 145 15.34 -9.61 21.31
C GLY D 145 13.90 -9.48 21.87
N LEU D 146 12.99 -8.94 21.06
CA LEU D 146 11.59 -8.82 21.41
C LEU D 146 10.82 -9.98 20.75
N ASP D 147 10.90 -11.18 21.33
CA ASP D 147 10.38 -12.39 20.64
C ASP D 147 9.10 -12.96 21.27
N TYR D 148 8.49 -12.21 22.18
CA TYR D 148 7.30 -12.65 22.78
C TYR D 148 6.24 -13.11 21.77
N GLY D 149 5.63 -14.23 22.05
CA GLY D 149 4.54 -14.72 21.20
C GLY D 149 4.92 -15.70 20.13
N LYS D 150 6.19 -15.94 19.85
CA LYS D 150 6.49 -17.04 18.88
C LYS D 150 5.86 -18.36 19.11
N GLN D 151 5.79 -18.79 20.37
CA GLN D 151 5.13 -20.01 20.75
C GLN D 151 3.65 -20.11 20.27
N TYR D 152 2.92 -18.99 20.16
CA TYR D 152 1.54 -18.94 19.71
C TYR D 152 1.41 -18.54 18.26
N GLY D 153 2.53 -18.55 17.55
CA GLY D 153 2.58 -18.23 16.14
C GLY D 153 2.43 -16.75 15.82
N PHE D 154 2.79 -15.87 16.75
CA PHE D 154 2.77 -14.44 16.45
C PHE D 154 3.87 -14.21 15.47
N LYS D 155 3.63 -13.35 14.47
CA LYS D 155 4.65 -13.01 13.52
C LYS D 155 5.47 -11.87 14.03
N MET D 156 6.73 -11.84 13.71
CA MET D 156 7.71 -10.83 14.16
C MET D 156 7.80 -9.53 13.33
N LYS D 157 7.28 -9.59 12.11
CA LYS D 157 7.36 -8.43 11.24
C LYS D 157 6.63 -7.27 11.87
N THR D 158 7.33 -6.17 12.01
CA THR D 158 6.79 -4.97 12.64
C THR D 158 6.99 -3.82 11.68
N LYS D 159 5.89 -3.08 11.41
CA LYS D 159 5.97 -1.94 10.51
C LYS D 159 6.06 -0.68 11.28
N LEU D 160 6.85 0.24 10.84
CA LEU D 160 6.92 1.58 11.35
C LEU D 160 6.33 2.55 10.33
N LEU D 161 5.50 3.47 10.86
CA LEU D 161 4.87 4.51 10.06
C LEU D 161 5.26 5.75 10.81
N ILE D 162 6.05 6.61 10.19
CA ILE D 162 6.66 7.69 10.90
C ILE D 162 6.09 9.03 10.42
N THR D 163 5.70 9.87 11.37
CA THR D 163 5.24 11.27 11.08
C THR D 163 6.35 12.10 11.70
N ALA D 164 6.85 13.10 11.01
CA ALA D 164 7.82 13.97 11.60
C ALA D 164 7.73 15.35 10.96
N GLU D 165 7.89 16.36 11.80
CA GLU D 165 7.91 17.74 11.36
C GLU D 165 9.08 18.38 12.12
N ALA D 166 9.90 19.17 11.40
CA ALA D 166 11.05 19.81 12.01
C ALA D 166 11.13 21.26 11.52
N VAL D 167 11.42 22.13 12.48
CA VAL D 167 11.38 23.58 12.28
C VAL D 167 12.85 24.08 12.13
N LYS D 168 13.14 24.76 11.03
CA LYS D 168 14.47 25.29 10.79
C LYS D 168 14.92 26.20 11.93
N GLN D 169 16.18 26.03 12.31
CA GLN D 169 16.72 26.79 13.45
C GLN D 169 17.54 27.93 12.90
#